data_1ECG
#
_entry.id   1ECG
#
_cell.length_a   116.900
_cell.length_b   157.500
_cell.length_c   106.300
_cell.angle_alpha   90.00
_cell.angle_beta   90.00
_cell.angle_gamma   90.00
#
_symmetry.space_group_name_H-M   'C 2 2 21'
#
loop_
_entity.id
_entity.type
_entity.pdbx_description
1 polymer 'GLUTAMINE PHOSPHORIBOSYLPYROPHOSPHATE AMIDOTRANSFERASE'
2 non-polymer 5-OXO-L-NORLEUCINE
3 non-polymer "PIPERAZINE-N,N'-BIS(2-ETHANESULFONIC ACID)"
4 water water
#
_entity_poly.entity_id   1
_entity_poly.type   'polypeptide(L)'
_entity_poly.pdbx_seq_one_letter_code
;CGIVGIAGVMPVNQSIYDALTVLQHRGQDAAGIITIDANNCFRLRKANGLVSDVFEARHMQRLQGNMGIGHVRYPTAGSS
SASEAQPFYVNSPYGITLAHNGNLTNAHELRKKLFEEKRRHINTTSDSEILLNIFASELDNFRHYPLEADNIFAAIAATN
RLIRGAYACVAMIIGHGMVAFRDPNGIRPLVLGKRDIDENRTEYMVASESVALDTLGFDFLRDVAPGEAIYITEEGQLFT
RQCADNPVSNPCLFEYVYFARPDSFIDKISVYSARVNMGTKLGEKIAREWEDLDIDVVIPIPETSCDIALEIARILGKPY
RQGFVKNRYVGRTFIMPGQQLRRKSVRRKLNANRAEFRDKNVLLVDDSIVRGTTSEQIIEMAREAGAKKVYLASAAPEIR
FPNVYGIDMPSATELIAHGREVDEIRQIIGADGLIFQDLNDLIDAVRAENPDIQQFECSVFNGVYVTKDVDQGYLDFLDT
LRNDDAKAVQRQNEVENLEMHNEG
;
_entity_poly.pdbx_strand_id   A,B
#
loop_
_chem_comp.id
_chem_comp.type
_chem_comp.name
_chem_comp.formula
PIN non-polymer 'PIPERAZINE-N,N'-BIS(2-ETHANESULFONIC ACID)' 'C8 H18 N2 O6 S2'
#
# COMPACT_ATOMS: atom_id res chain seq x y z
N CYS A 1 -7.77 3.47 -16.44
CA CYS A 1 -8.88 4.12 -15.66
C CYS A 1 -9.85 3.03 -15.23
N GLY A 2 -10.70 3.32 -14.24
CA GLY A 2 -11.68 2.34 -13.77
C GLY A 2 -13.03 3.00 -13.63
N ILE A 3 -14.10 2.27 -13.91
CA ILE A 3 -15.45 2.82 -13.81
C ILE A 3 -16.37 1.95 -12.95
N VAL A 4 -17.42 2.56 -12.41
N VAL A 4 -17.40 2.58 -12.38
CA VAL A 4 -18.39 1.83 -11.59
CA VAL A 4 -18.39 1.90 -11.53
C VAL A 4 -19.73 2.53 -11.74
C VAL A 4 -19.74 2.55 -11.75
N GLY A 5 -20.81 1.78 -11.65
CA GLY A 5 -22.12 2.37 -11.78
C GLY A 5 -22.99 1.53 -10.87
N ILE A 6 -23.86 2.15 -10.09
CA ILE A 6 -24.76 1.36 -9.21
C ILE A 6 -26.19 1.89 -9.34
N ALA A 7 -27.11 1.03 -9.74
CA ALA A 7 -28.51 1.38 -9.83
C ALA A 7 -29.11 0.67 -8.61
N GLY A 8 -29.23 1.40 -7.50
CA GLY A 8 -29.74 0.82 -6.26
C GLY A 8 -31.13 1.20 -5.80
N VAL A 9 -31.48 0.73 -4.60
CA VAL A 9 -32.78 1.02 -3.99
C VAL A 9 -32.56 1.78 -2.69
N MET A 10 -31.34 2.28 -2.51
CA MET A 10 -30.96 3.03 -1.31
C MET A 10 -29.70 3.83 -1.63
N PRO A 11 -29.38 4.84 -0.82
CA PRO A 11 -28.18 5.65 -1.09
C PRO A 11 -26.97 4.85 -1.53
N VAL A 12 -26.36 5.30 -2.62
CA VAL A 12 -25.21 4.67 -3.25
C VAL A 12 -23.87 5.38 -3.04
N ASN A 13 -23.91 6.60 -2.51
CA ASN A 13 -22.67 7.34 -2.32
C ASN A 13 -21.52 6.59 -1.64
N GLN A 14 -21.77 5.94 -0.51
CA GLN A 14 -20.72 5.18 0.20
C GLN A 14 -20.32 3.95 -0.62
N SER A 15 -21.31 3.28 -1.21
CA SER A 15 -21.00 2.10 -1.99
C SER A 15 -20.11 2.37 -3.25
N ILE A 16 -20.36 3.49 -3.94
CA ILE A 16 -19.59 3.87 -5.13
C ILE A 16 -18.18 4.21 -4.68
N TYR A 17 -18.09 4.96 -3.58
CA TYR A 17 -16.81 5.33 -2.94
C TYR A 17 -16.02 4.05 -2.62
N ASP A 18 -16.69 3.06 -2.02
CA ASP A 18 -16.07 1.79 -1.65
C ASP A 18 -15.62 1.00 -2.87
N ALA A 19 -16.47 0.93 -3.90
CA ALA A 19 -16.13 0.24 -5.14
C ALA A 19 -14.91 0.94 -5.75
N LEU A 20 -14.86 2.27 -5.71
CA LEU A 20 -13.69 2.94 -6.26
C LEU A 20 -12.39 2.69 -5.46
N THR A 21 -12.48 2.47 -4.14
CA THR A 21 -11.26 2.22 -3.38
C THR A 21 -10.64 0.86 -3.79
N VAL A 22 -11.43 -0.12 -4.24
CA VAL A 22 -10.85 -1.39 -4.66
C VAL A 22 -10.49 -1.39 -6.17
N LEU A 23 -10.84 -0.34 -6.87
CA LEU A 23 -10.48 -0.21 -8.27
C LEU A 23 -9.40 0.90 -8.34
N GLN A 24 -8.88 1.31 -7.18
CA GLN A 24 -7.90 2.39 -7.12
C GLN A 24 -6.63 2.15 -7.95
N HIS A 25 -6.20 0.89 -8.06
CA HIS A 25 -5.02 0.53 -8.84
C HIS A 25 -5.21 0.85 -10.35
N ARG A 26 -6.44 1.16 -10.75
CA ARG A 26 -6.65 1.43 -12.16
C ARG A 26 -6.36 2.88 -12.48
N GLY A 27 -6.14 3.70 -11.44
CA GLY A 27 -5.85 5.12 -11.67
C GLY A 27 -5.86 5.88 -10.37
N GLN A 28 -4.80 6.62 -10.07
CA GLN A 28 -4.72 7.37 -8.80
C GLN A 28 -4.58 8.87 -8.97
N ASP A 29 -4.72 9.36 -10.18
CA ASP A 29 -4.57 10.79 -10.42
C ASP A 29 -5.81 11.60 -10.06
N ALA A 30 -7.00 11.04 -10.24
CA ALA A 30 -8.23 11.77 -9.94
C ALA A 30 -9.35 10.79 -9.77
N ALA A 31 -10.44 11.25 -9.17
CA ALA A 31 -11.62 10.40 -8.94
C ALA A 31 -12.84 11.29 -9.06
N GLY A 32 -13.98 10.70 -9.39
CA GLY A 32 -15.22 11.44 -9.50
C GLY A 32 -16.44 10.58 -9.22
N ILE A 33 -17.44 11.15 -8.55
CA ILE A 33 -18.67 10.43 -8.29
C ILE A 33 -19.83 11.37 -8.61
N ILE A 34 -20.83 10.88 -9.32
CA ILE A 34 -21.97 11.69 -9.67
C ILE A 34 -23.21 10.86 -9.42
N THR A 35 -24.18 11.41 -8.69
CA THR A 35 -25.41 10.66 -8.39
C THR A 35 -26.62 11.45 -8.87
N ILE A 36 -27.74 10.78 -9.01
CA ILE A 36 -28.96 11.48 -9.40
C ILE A 36 -29.76 11.59 -8.10
N ASP A 37 -30.17 12.78 -7.71
CA ASP A 37 -30.94 12.90 -6.47
C ASP A 37 -32.45 12.73 -6.59
N ALA A 38 -33.14 12.82 -5.45
CA ALA A 38 -34.59 12.68 -5.33
C ALA A 38 -35.33 13.69 -6.20
N ASN A 39 -34.62 14.74 -6.61
CA ASN A 39 -35.14 15.78 -7.48
C ASN A 39 -34.78 15.60 -8.93
N ASN A 40 -34.13 14.50 -9.30
CA ASN A 40 -33.72 14.29 -10.70
C ASN A 40 -32.72 15.33 -11.17
N CYS A 41 -31.73 15.56 -10.32
CA CYS A 41 -30.65 16.49 -10.55
C CYS A 41 -29.35 15.74 -10.21
N PHE A 42 -28.27 16.06 -10.93
CA PHE A 42 -27.00 15.43 -10.66
C PHE A 42 -26.30 16.20 -9.54
N ARG A 43 -25.61 15.45 -8.68
CA ARG A 43 -24.80 16.01 -7.60
C ARG A 43 -23.42 15.41 -7.95
N LEU A 44 -22.42 16.26 -8.04
CA LEU A 44 -21.07 15.83 -8.42
C LEU A 44 -19.92 16.31 -7.56
N ARG A 45 -18.92 15.44 -7.46
CA ARG A 45 -17.64 15.73 -6.80
C ARG A 45 -16.58 14.94 -7.56
N LYS A 46 -15.61 15.65 -8.09
CA LYS A 46 -14.49 15.05 -8.81
C LYS A 46 -13.31 16.00 -8.62
N ALA A 47 -12.11 15.43 -8.48
CA ALA A 47 -10.91 16.24 -8.26
C ALA A 47 -9.70 15.32 -8.32
N ASN A 48 -8.53 15.94 -8.37
CA ASN A 48 -7.26 15.22 -8.40
C ASN A 48 -7.06 14.56 -7.03
N GLY A 49 -6.33 13.45 -7.03
CA GLY A 49 -6.06 12.72 -5.83
C GLY A 49 -6.68 11.32 -5.72
N LEU A 50 -6.26 10.62 -4.69
CA LEU A 50 -6.77 9.32 -4.40
C LEU A 50 -8.25 9.52 -4.00
N VAL A 51 -9.05 8.47 -4.12
CA VAL A 51 -10.47 8.49 -3.73
C VAL A 51 -10.61 8.95 -2.25
N SER A 52 -9.82 8.35 -1.37
CA SER A 52 -9.88 8.69 0.04
C SER A 52 -9.54 10.16 0.34
N ASP A 53 -8.94 10.87 -0.61
CA ASP A 53 -8.60 12.27 -0.42
C ASP A 53 -9.57 13.21 -1.13
N VAL A 54 -10.20 12.72 -2.19
CA VAL A 54 -11.10 13.52 -3.01
C VAL A 54 -12.45 13.72 -2.36
N PHE A 55 -12.95 12.67 -1.72
CA PHE A 55 -14.27 12.72 -1.08
C PHE A 55 -14.26 12.88 0.44
N GLU A 56 -14.50 14.10 0.91
CA GLU A 56 -14.57 14.42 2.35
C GLU A 56 -16.04 14.28 2.80
N ALA A 57 -16.31 14.28 4.11
CA ALA A 57 -17.70 14.11 4.56
C ALA A 57 -18.69 15.05 3.90
N ARG A 58 -18.31 16.31 3.71
CA ARG A 58 -19.21 17.28 3.10
C ARG A 58 -19.60 16.96 1.68
N HIS A 59 -18.67 16.43 0.89
CA HIS A 59 -18.98 16.06 -0.49
C HIS A 59 -19.94 14.85 -0.45
N MET A 60 -19.70 13.92 0.46
CA MET A 60 -20.56 12.73 0.59
C MET A 60 -22.02 13.08 0.91
N GLN A 61 -22.20 14.05 1.80
CA GLN A 61 -23.53 14.50 2.19
C GLN A 61 -24.26 15.04 0.95
N ARG A 62 -23.54 15.70 0.04
CA ARG A 62 -24.12 16.25 -1.17
C ARG A 62 -24.46 15.19 -2.21
N LEU A 63 -23.75 14.07 -2.19
CA LEU A 63 -23.99 13.04 -3.18
C LEU A 63 -25.19 12.17 -2.81
N GLN A 64 -26.36 12.76 -2.93
CA GLN A 64 -27.58 12.05 -2.57
C GLN A 64 -28.20 11.34 -3.73
N GLY A 65 -28.85 10.21 -3.41
CA GLY A 65 -29.55 9.43 -4.42
C GLY A 65 -29.30 7.95 -4.37
N ASN A 66 -30.12 7.19 -5.09
CA ASN A 66 -30.04 5.74 -5.19
C ASN A 66 -29.40 5.22 -6.48
N MET A 67 -28.88 6.13 -7.31
CA MET A 67 -28.23 5.74 -8.57
C MET A 67 -27.03 6.64 -8.75
N GLY A 68 -25.91 6.10 -9.19
CA GLY A 68 -24.74 6.94 -9.39
C GLY A 68 -23.61 6.19 -10.07
N ILE A 69 -22.64 6.94 -10.59
CA ILE A 69 -21.48 6.33 -11.22
C ILE A 69 -20.21 6.99 -10.69
N GLY A 70 -19.10 6.29 -10.86
CA GLY A 70 -17.81 6.78 -10.40
C GLY A 70 -16.70 6.48 -11.39
N HIS A 71 -15.59 7.20 -11.24
CA HIS A 71 -14.44 7.04 -12.10
C HIS A 71 -13.15 7.36 -11.35
N VAL A 72 -12.09 6.60 -11.66
CA VAL A 72 -10.75 6.87 -11.09
C VAL A 72 -9.91 6.95 -12.32
N ARG A 73 -9.17 8.05 -12.44
CA ARG A 73 -8.35 8.33 -13.59
C ARG A 73 -6.87 7.98 -13.54
N TYR A 74 -6.43 7.45 -14.67
CA TYR A 74 -5.05 7.13 -14.90
C TYR A 74 -4.71 8.09 -16.05
N PRO A 75 -3.87 9.11 -15.79
CA PRO A 75 -3.46 10.10 -16.80
C PRO A 75 -3.06 9.46 -18.11
N THR A 76 -3.51 10.03 -19.23
CA THR A 76 -3.20 9.52 -20.58
C THR A 76 -3.04 10.73 -21.54
N ALA A 77 -2.71 10.46 -22.80
CA ALA A 77 -2.56 11.53 -23.79
C ALA A 77 -3.95 12.12 -24.02
N GLY A 78 -4.06 13.43 -23.85
CA GLY A 78 -5.35 14.07 -24.00
C GLY A 78 -5.98 14.37 -22.65
N SER A 79 -5.76 13.50 -21.66
CA SER A 79 -6.28 13.70 -20.31
C SER A 79 -5.14 13.76 -19.30
N SER A 80 -4.44 14.90 -19.31
CA SER A 80 -3.32 15.13 -18.41
C SER A 80 -3.84 15.31 -17.02
N SER A 81 -2.92 15.26 -16.07
CA SER A 81 -3.22 15.44 -14.66
C SER A 81 -3.84 16.82 -14.33
N ALA A 82 -3.60 17.79 -15.21
CA ALA A 82 -4.08 19.16 -15.04
C ALA A 82 -5.48 19.38 -15.58
N SER A 83 -5.91 18.49 -16.46
CA SER A 83 -7.21 18.60 -17.11
C SER A 83 -8.41 18.09 -16.28
N GLU A 84 -9.60 18.55 -16.66
CA GLU A 84 -10.84 18.16 -15.99
C GLU A 84 -10.99 16.64 -16.03
N ALA A 85 -11.31 16.07 -14.87
CA ALA A 85 -11.47 14.63 -14.72
C ALA A 85 -12.89 14.21 -15.07
N GLN A 86 -13.14 12.91 -14.95
CA GLN A 86 -14.43 12.29 -15.21
C GLN A 86 -15.16 12.05 -13.89
N PRO A 87 -16.48 11.84 -13.95
CA PRO A 87 -17.31 11.81 -15.15
C PRO A 87 -17.55 13.17 -15.81
N PHE A 88 -17.79 13.14 -17.12
N PHE A 88 -18.00 13.13 -17.05
CA PHE A 88 -18.09 14.36 -17.85
CA PHE A 88 -18.34 14.34 -17.78
C PHE A 88 -19.60 14.50 -17.82
C PHE A 88 -19.85 14.31 -17.97
N TYR A 89 -20.08 15.67 -18.21
N TYR A 89 -20.49 15.47 -17.94
CA TYR A 89 -21.52 15.94 -18.21
CA TYR A 89 -21.93 15.52 -18.18
C TYR A 89 -22.01 16.85 -19.35
C TYR A 89 -22.31 16.67 -19.07
N VAL A 90 -23.27 16.67 -19.74
N VAL A 90 -23.46 16.54 -19.72
CA VAL A 90 -23.92 17.54 -20.72
CA VAL A 90 -24.02 17.59 -20.56
C VAL A 90 -25.35 17.79 -20.23
C VAL A 90 -25.50 17.66 -20.20
N ASN A 91 -25.94 18.93 -20.56
N ASN A 91 -26.01 18.87 -20.00
CA ASN A 91 -27.28 19.24 -20.09
CA ASN A 91 -27.42 19.06 -19.61
C ASN A 91 -28.40 18.94 -21.09
C ASN A 91 -28.45 18.92 -20.77
N SER A 92 -28.05 18.62 -22.33
N SER A 92 -28.08 18.26 -21.87
CA SER A 92 -29.05 18.31 -23.33
CA SER A 92 -29.00 18.10 -23.00
C SER A 92 -28.53 17.23 -24.25
C SER A 92 -28.51 17.15 -24.09
N PRO A 93 -29.40 16.31 -24.66
CA PRO A 93 -30.82 16.23 -24.26
C PRO A 93 -31.01 15.56 -22.90
N TYR A 94 -32.03 15.98 -22.14
CA TYR A 94 -32.35 15.38 -20.84
C TYR A 94 -31.38 15.51 -19.66
N GLY A 95 -30.07 15.54 -19.92
CA GLY A 95 -29.07 15.60 -18.84
C GLY A 95 -28.39 14.23 -18.85
N ILE A 96 -27.13 14.19 -19.27
CA ILE A 96 -26.43 12.90 -19.39
C ILE A 96 -25.04 13.00 -18.83
N THR A 97 -24.64 12.00 -18.06
CA THR A 97 -23.30 11.99 -17.52
C THR A 97 -22.70 10.64 -17.95
N LEU A 98 -21.38 10.59 -18.13
CA LEU A 98 -20.72 9.36 -18.57
C LEU A 98 -19.27 9.22 -18.06
N ALA A 99 -18.87 8.01 -17.67
CA ALA A 99 -17.49 7.72 -17.24
C ALA A 99 -16.98 6.65 -18.24
N HIS A 100 -15.71 6.76 -18.62
CA HIS A 100 -15.12 5.89 -19.63
C HIS A 100 -13.71 5.36 -19.37
N ASN A 101 -13.47 4.07 -19.68
CA ASN A 101 -12.12 3.46 -19.62
C ASN A 101 -11.85 2.97 -21.06
N GLY A 102 -10.92 3.64 -21.76
CA GLY A 102 -10.60 3.27 -23.12
C GLY A 102 -10.01 4.42 -23.93
N ASN A 103 -10.20 4.40 -25.25
CA ASN A 103 -9.71 5.45 -26.14
C ASN A 103 -10.33 5.30 -27.53
N LEU A 104 -10.77 6.41 -28.10
CA LEU A 104 -11.37 6.39 -29.43
C LEU A 104 -10.28 6.76 -30.39
N THR A 105 -10.05 5.89 -31.36
CA THR A 105 -9.03 6.11 -32.36
C THR A 105 -9.39 7.20 -33.37
N ASN A 106 -10.66 7.57 -33.46
CA ASN A 106 -11.08 8.63 -34.38
C ASN A 106 -11.67 9.82 -33.61
N ALA A 107 -11.11 10.11 -32.44
CA ALA A 107 -11.59 11.23 -31.64
C ALA A 107 -11.58 12.57 -32.36
N HIS A 108 -10.46 12.90 -33.00
CA HIS A 108 -10.29 14.18 -33.69
C HIS A 108 -11.35 14.40 -34.78
N GLU A 109 -11.62 13.38 -35.58
CA GLU A 109 -12.61 13.52 -36.64
C GLU A 109 -14.02 13.72 -36.04
N LEU A 110 -14.30 13.00 -34.96
CA LEU A 110 -15.58 13.07 -34.24
C LEU A 110 -15.81 14.49 -33.68
N ARG A 111 -14.75 15.05 -33.11
CA ARG A 111 -14.83 16.38 -32.54
C ARG A 111 -15.13 17.43 -33.61
N LYS A 112 -14.64 17.20 -34.83
CA LYS A 112 -14.84 18.09 -35.96
C LYS A 112 -16.29 18.00 -36.38
N LYS A 113 -16.77 16.78 -36.52
N LYS A 113 -16.78 16.78 -36.53
CA LYS A 113 -18.14 16.53 -36.92
CA LYS A 113 -18.15 16.55 -36.93
C LYS A 113 -19.13 17.09 -35.89
C LYS A 113 -19.13 17.09 -35.89
N LEU A 114 -18.79 16.96 -34.61
CA LEU A 114 -19.65 17.46 -33.51
C LEU A 114 -19.75 18.98 -33.59
N PHE A 115 -18.61 19.62 -33.83
CA PHE A 115 -18.61 21.05 -33.93
C PHE A 115 -19.36 21.50 -35.18
N GLU A 116 -19.03 20.93 -36.33
CA GLU A 116 -19.64 21.32 -37.61
C GLU A 116 -21.08 20.93 -37.87
N GLU A 117 -21.50 19.76 -37.40
CA GLU A 117 -22.88 19.30 -37.62
C GLU A 117 -23.83 19.56 -36.45
N LYS A 118 -23.31 19.68 -35.24
CA LYS A 118 -24.18 19.87 -34.07
C LYS A 118 -23.89 21.12 -33.24
N ARG A 119 -22.80 21.81 -33.57
CA ARG A 119 -22.38 22.99 -32.82
C ARG A 119 -22.13 22.62 -31.33
N ARG A 120 -21.67 21.39 -31.10
CA ARG A 120 -21.38 20.96 -29.75
C ARG A 120 -19.91 21.20 -29.48
N HIS A 121 -19.63 22.01 -28.46
CA HIS A 121 -18.29 22.36 -28.06
C HIS A 121 -17.68 21.34 -27.08
N ILE A 122 -16.43 20.97 -27.35
CA ILE A 122 -15.69 20.04 -26.49
C ILE A 122 -14.70 20.95 -25.75
N ASN A 123 -14.77 20.97 -24.42
CA ASN A 123 -13.90 21.85 -23.63
C ASN A 123 -12.56 21.27 -23.21
N THR A 124 -12.45 19.95 -23.18
CA THR A 124 -11.17 19.30 -22.82
C THR A 124 -10.57 18.66 -24.08
N THR A 125 -9.56 17.84 -23.92
CA THR A 125 -8.96 17.13 -25.05
C THR A 125 -9.17 15.63 -24.83
N SER A 126 -10.05 15.33 -23.88
CA SER A 126 -10.42 13.97 -23.51
C SER A 126 -11.42 13.36 -24.50
N ASP A 127 -11.12 12.17 -25.03
CA ASP A 127 -12.04 11.54 -25.98
C ASP A 127 -13.29 11.05 -25.26
N SER A 128 -13.27 11.03 -23.92
CA SER A 128 -14.46 10.62 -23.16
C SER A 128 -15.53 11.73 -23.26
N GLU A 129 -15.10 12.98 -23.32
CA GLU A 129 -16.03 14.09 -23.45
C GLU A 129 -16.66 14.01 -24.85
N ILE A 130 -15.84 13.70 -25.84
CA ILE A 130 -16.32 13.50 -27.19
C ILE A 130 -17.29 12.29 -27.26
N LEU A 131 -16.95 11.20 -26.56
CA LEU A 131 -17.80 10.02 -26.56
C LEU A 131 -19.19 10.39 -26.02
N LEU A 132 -19.20 11.11 -24.90
CA LEU A 132 -20.44 11.57 -24.27
C LEU A 132 -21.28 12.42 -25.25
N ASN A 133 -20.62 13.33 -25.94
CA ASN A 133 -21.31 14.20 -26.91
C ASN A 133 -21.86 13.50 -28.16
N ILE A 134 -21.26 12.37 -28.56
CA ILE A 134 -21.75 11.64 -29.73
C ILE A 134 -23.06 10.97 -29.28
N PHE A 135 -22.99 10.30 -28.13
CA PHE A 135 -24.13 9.59 -27.52
C PHE A 135 -25.29 10.57 -27.29
N ALA A 136 -24.98 11.71 -26.69
CA ALA A 136 -25.97 12.76 -26.41
C ALA A 136 -26.64 13.16 -27.74
N SER A 137 -25.81 13.37 -28.74
CA SER A 137 -26.26 13.78 -30.06
C SER A 137 -27.18 12.74 -30.69
N GLU A 138 -26.92 11.46 -30.43
CA GLU A 138 -27.75 10.40 -30.95
C GLU A 138 -29.07 10.30 -30.15
N LEU A 139 -29.00 10.60 -28.86
CA LEU A 139 -30.19 10.56 -28.02
C LEU A 139 -31.10 11.72 -28.36
N ASP A 140 -30.54 12.74 -28.98
CA ASP A 140 -31.32 13.91 -29.32
C ASP A 140 -32.19 13.79 -30.57
N ASN A 141 -32.28 12.60 -31.14
CA ASN A 141 -33.07 12.43 -32.34
C ASN A 141 -34.50 11.96 -32.00
N PHE A 142 -34.88 12.07 -30.74
CA PHE A 142 -36.20 11.62 -30.28
C PHE A 142 -37.21 12.71 -29.91
N ARG A 143 -38.44 12.52 -30.41
CA ARG A 143 -39.56 13.45 -30.19
C ARG A 143 -40.36 13.07 -28.97
N HIS A 144 -40.90 11.85 -28.96
CA HIS A 144 -41.71 11.35 -27.84
C HIS A 144 -40.94 11.31 -26.51
N TYR A 145 -41.67 11.44 -25.41
CA TYR A 145 -41.07 11.41 -24.08
C TYR A 145 -41.89 10.50 -23.18
N PRO A 146 -41.23 9.66 -22.35
CA PRO A 146 -39.78 9.55 -22.22
C PRO A 146 -39.25 8.61 -23.30
N LEU A 147 -37.94 8.40 -23.31
CA LEU A 147 -37.35 7.47 -24.27
C LEU A 147 -37.63 6.03 -23.84
N GLU A 148 -37.90 5.17 -24.81
CA GLU A 148 -38.14 3.77 -24.51
C GLU A 148 -36.75 3.14 -24.47
N ALA A 149 -36.63 1.92 -23.94
CA ALA A 149 -35.35 1.24 -23.92
C ALA A 149 -34.84 1.07 -25.37
N ASP A 150 -35.76 0.89 -26.32
CA ASP A 150 -35.41 0.75 -27.73
C ASP A 150 -34.71 1.98 -28.29
N ASN A 151 -35.11 3.17 -27.84
CA ASN A 151 -34.47 4.40 -28.34
C ASN A 151 -33.09 4.56 -27.80
N ILE A 152 -32.90 4.16 -26.54
CA ILE A 152 -31.60 4.26 -25.89
C ILE A 152 -30.61 3.29 -26.55
N PHE A 153 -31.07 2.07 -26.83
CA PHE A 153 -30.23 1.08 -27.50
C PHE A 153 -29.94 1.54 -28.94
N ALA A 154 -30.94 2.13 -29.59
CA ALA A 154 -30.76 2.63 -30.95
C ALA A 154 -29.67 3.72 -30.96
N ALA A 155 -29.68 4.58 -29.95
CA ALA A 155 -28.70 5.64 -29.87
C ALA A 155 -27.30 5.05 -29.64
N ILE A 156 -27.19 4.07 -28.76
CA ILE A 156 -25.90 3.44 -28.50
C ILE A 156 -25.38 2.74 -29.78
N ALA A 157 -26.28 2.06 -30.49
CA ALA A 157 -25.92 1.35 -31.73
C ALA A 157 -25.45 2.35 -32.79
N ALA A 158 -26.15 3.48 -32.90
CA ALA A 158 -25.78 4.52 -33.85
C ALA A 158 -24.41 5.04 -33.42
N THR A 159 -24.19 5.11 -32.11
CA THR A 159 -22.92 5.59 -31.57
C THR A 159 -21.79 4.61 -31.95
N ASN A 160 -22.06 3.32 -31.82
CA ASN A 160 -21.07 2.30 -32.12
C ASN A 160 -20.68 2.32 -33.59
N ARG A 161 -21.54 2.87 -34.44
N ARG A 161 -21.53 2.88 -34.44
CA ARG A 161 -21.26 2.96 -35.87
CA ARG A 161 -21.27 2.96 -35.88
C ARG A 161 -20.44 4.14 -36.22
C ARG A 161 -20.45 4.16 -36.24
N LEU A 162 -20.35 5.10 -35.30
CA LEU A 162 -19.57 6.31 -35.53
C LEU A 162 -18.20 6.28 -34.88
N ILE A 163 -18.16 5.89 -33.62
CA ILE A 163 -16.91 5.87 -32.90
C ILE A 163 -16.17 4.57 -33.17
N ARG A 164 -14.84 4.64 -33.02
CA ARG A 164 -13.96 3.49 -33.21
C ARG A 164 -12.91 3.52 -32.09
N GLY A 165 -12.55 2.34 -31.58
CA GLY A 165 -11.54 2.28 -30.55
C GLY A 165 -11.89 1.24 -29.53
N ALA A 166 -11.55 1.50 -28.28
CA ALA A 166 -11.84 0.59 -27.20
C ALA A 166 -12.57 1.44 -26.19
N TYR A 167 -13.54 0.86 -25.50
CA TYR A 167 -14.31 1.57 -24.48
C TYR A 167 -15.25 0.70 -23.66
N ALA A 168 -15.17 0.90 -22.36
CA ALA A 168 -16.04 0.29 -21.35
C ALA A 168 -16.64 1.60 -20.79
N CYS A 169 -17.95 1.76 -20.92
CA CYS A 169 -18.62 2.98 -20.50
C CYS A 169 -19.80 2.72 -19.60
N VAL A 170 -20.07 3.71 -18.75
CA VAL A 170 -21.24 3.71 -17.90
C VAL A 170 -21.76 5.14 -17.92
N ALA A 171 -23.07 5.28 -18.02
CA ALA A 171 -23.68 6.59 -18.04
C ALA A 171 -25.05 6.61 -17.34
N MET A 172 -25.59 7.80 -17.14
CA MET A 172 -26.92 7.92 -16.55
C MET A 172 -27.59 9.04 -17.35
N ILE A 173 -28.88 8.86 -17.62
CA ILE A 173 -29.70 9.83 -18.35
C ILE A 173 -30.82 10.19 -17.35
N ILE A 174 -30.93 11.48 -17.03
N ILE A 174 -30.96 11.49 -17.09
CA ILE A 174 -31.95 11.94 -16.10
CA ILE A 174 -31.98 12.03 -16.18
C ILE A 174 -33.36 11.55 -16.53
C ILE A 174 -33.38 11.57 -16.55
N GLY A 175 -34.13 11.12 -15.55
CA GLY A 175 -35.49 10.69 -15.81
C GLY A 175 -35.55 9.34 -16.48
N HIS A 176 -34.42 8.69 -16.72
CA HIS A 176 -34.43 7.36 -17.37
C HIS A 176 -33.73 6.28 -16.58
N GLY A 177 -32.44 6.45 -16.35
CA GLY A 177 -31.71 5.46 -15.60
C GLY A 177 -30.26 5.30 -16.05
N MET A 178 -29.72 4.11 -15.82
CA MET A 178 -28.33 3.84 -16.09
C MET A 178 -28.04 2.93 -17.29
N VAL A 179 -27.03 3.26 -18.08
CA VAL A 179 -26.67 2.44 -19.23
C VAL A 179 -25.20 2.10 -19.08
N ALA A 180 -24.81 0.95 -19.61
CA ALA A 180 -23.42 0.52 -19.61
C ALA A 180 -23.23 -0.19 -20.95
N PHE A 181 -22.13 0.06 -21.63
CA PHE A 181 -21.92 -0.61 -22.89
C PHE A 181 -20.43 -0.80 -23.13
N ARG A 182 -20.11 -1.80 -23.94
CA ARG A 182 -18.73 -2.19 -24.23
C ARG A 182 -18.42 -2.16 -25.75
N ASP A 183 -17.17 -1.85 -26.11
CA ASP A 183 -16.76 -1.82 -27.54
C ASP A 183 -17.00 -3.17 -28.21
N PRO A 184 -17.18 -3.16 -29.54
CA PRO A 184 -17.43 -4.38 -30.35
C PRO A 184 -16.31 -5.43 -30.39
N ASN A 185 -15.16 -5.12 -29.79
CA ASN A 185 -14.07 -6.05 -29.73
C ASN A 185 -13.81 -6.55 -28.34
N GLY A 186 -14.61 -6.08 -27.38
CA GLY A 186 -14.44 -6.50 -26.01
C GLY A 186 -13.04 -6.28 -25.48
N ILE A 187 -12.43 -5.16 -25.84
CA ILE A 187 -11.08 -4.86 -25.40
C ILE A 187 -11.03 -4.43 -23.92
N ARG A 188 -11.76 -3.37 -23.54
CA ARG A 188 -11.74 -2.90 -22.16
C ARG A 188 -12.68 -3.75 -21.26
N PRO A 189 -12.28 -4.03 -20.01
CA PRO A 189 -13.08 -4.85 -19.08
C PRO A 189 -14.35 -4.22 -18.48
N LEU A 190 -15.40 -5.04 -18.29
CA LEU A 190 -16.67 -4.56 -17.71
C LEU A 190 -17.57 -5.73 -17.30
N VAL A 191 -17.88 -5.83 -16.01
CA VAL A 191 -18.76 -6.90 -15.52
C VAL A 191 -20.08 -6.38 -14.95
N LEU A 192 -21.04 -7.26 -14.88
CA LEU A 192 -22.33 -6.92 -14.35
C LEU A 192 -22.64 -7.78 -13.11
N GLY A 193 -23.21 -7.17 -12.07
CA GLY A 193 -23.59 -7.89 -10.87
C GLY A 193 -24.94 -7.41 -10.31
N LYS A 194 -25.49 -8.15 -9.35
CA LYS A 194 -26.75 -7.76 -8.74
C LYS A 194 -26.79 -8.02 -7.23
N ARG A 195 -27.68 -7.31 -6.56
CA ARG A 195 -27.85 -7.50 -5.13
C ARG A 195 -29.33 -7.48 -4.79
N ASP A 196 -29.81 -8.65 -4.40
CA ASP A 196 -31.21 -8.82 -4.02
C ASP A 196 -31.46 -8.26 -2.62
N ILE A 197 -32.28 -7.21 -2.53
CA ILE A 197 -32.61 -6.61 -1.24
C ILE A 197 -33.82 -7.32 -0.63
N ASP A 198 -34.77 -7.68 -1.46
CA ASP A 198 -35.93 -8.43 -1.00
C ASP A 198 -36.60 -9.10 -2.20
N GLU A 199 -37.78 -9.66 -1.96
CA GLU A 199 -38.57 -10.37 -2.97
C GLU A 199 -38.84 -9.55 -4.23
N ASN A 200 -39.01 -8.24 -4.05
CA ASN A 200 -39.30 -7.36 -5.18
C ASN A 200 -38.21 -6.35 -5.54
N ARG A 201 -37.14 -6.29 -4.76
CA ARG A 201 -36.11 -5.30 -5.03
C ARG A 201 -34.72 -5.84 -5.30
N THR A 202 -34.19 -5.54 -6.48
CA THR A 202 -32.87 -5.98 -6.88
C THR A 202 -32.08 -4.80 -7.42
N GLU A 203 -30.87 -4.61 -6.87
CA GLU A 203 -29.98 -3.55 -7.30
C GLU A 203 -29.00 -4.12 -8.33
N TYR A 204 -28.52 -3.27 -9.21
CA TYR A 204 -27.58 -3.69 -10.22
C TYR A 204 -26.37 -2.81 -10.19
N MET A 205 -25.25 -3.35 -10.67
CA MET A 205 -24.05 -2.57 -10.75
C MET A 205 -23.12 -3.14 -11.82
N VAL A 206 -22.33 -2.26 -12.39
CA VAL A 206 -21.34 -2.62 -13.40
C VAL A 206 -20.03 -2.02 -12.89
N ALA A 207 -18.92 -2.71 -13.17
CA ALA A 207 -17.58 -2.24 -12.75
C ALA A 207 -16.48 -2.74 -13.73
N SER A 208 -15.33 -2.06 -13.75
CA SER A 208 -14.24 -2.50 -14.63
C SER A 208 -13.79 -3.91 -14.19
N GLU A 209 -13.78 -4.17 -12.88
CA GLU A 209 -13.36 -5.46 -12.36
C GLU A 209 -14.34 -6.02 -11.34
N SER A 210 -14.41 -7.36 -11.30
CA SER A 210 -15.30 -8.06 -10.40
C SER A 210 -15.06 -7.80 -8.92
N VAL A 211 -13.84 -7.34 -8.56
N VAL A 211 -13.86 -7.34 -8.56
CA VAL A 211 -13.53 -7.05 -7.16
CA VAL A 211 -13.53 -7.05 -7.17
C VAL A 211 -14.44 -5.97 -6.58
C VAL A 211 -14.44 -5.98 -6.58
N ALA A 212 -14.93 -5.09 -7.45
CA ALA A 212 -15.83 -4.02 -7.00
C ALA A 212 -17.17 -4.64 -6.57
N LEU A 213 -17.61 -5.71 -7.25
CA LEU A 213 -18.86 -6.42 -6.90
C LEU A 213 -18.63 -7.19 -5.58
N ASP A 214 -17.50 -7.90 -5.48
CA ASP A 214 -17.18 -8.69 -4.28
C ASP A 214 -17.19 -7.88 -2.98
N THR A 215 -16.50 -6.74 -3.00
CA THR A 215 -16.37 -5.90 -1.85
C THR A 215 -17.72 -5.33 -1.34
N LEU A 216 -18.72 -5.28 -2.21
CA LEU A 216 -20.03 -4.77 -1.86
C LEU A 216 -21.08 -5.82 -1.59
N GLY A 217 -20.73 -7.10 -1.78
CA GLY A 217 -21.70 -8.16 -1.55
C GLY A 217 -22.63 -8.38 -2.72
N PHE A 218 -22.24 -7.89 -3.88
CA PHE A 218 -23.03 -8.06 -5.10
C PHE A 218 -22.66 -9.41 -5.68
N ASP A 219 -23.64 -10.08 -6.29
CA ASP A 219 -23.43 -11.39 -6.90
C ASP A 219 -22.99 -11.13 -8.31
N PHE A 220 -21.97 -11.85 -8.75
CA PHE A 220 -21.45 -11.73 -10.11
C PHE A 220 -22.46 -12.32 -11.07
N LEU A 221 -22.75 -11.62 -12.13
CA LEU A 221 -23.67 -12.18 -13.10
C LEU A 221 -22.87 -12.64 -14.34
N ARG A 222 -22.23 -11.70 -15.00
CA ARG A 222 -21.43 -12.00 -16.18
C ARG A 222 -20.68 -10.78 -16.70
N ASP A 223 -19.77 -10.99 -17.65
CA ASP A 223 -19.08 -9.87 -18.25
C ASP A 223 -20.13 -9.30 -19.18
N VAL A 224 -20.06 -8.00 -19.46
CA VAL A 224 -20.97 -7.38 -20.40
C VAL A 224 -20.33 -7.81 -21.75
N ALA A 225 -21.10 -8.48 -22.61
CA ALA A 225 -20.59 -8.96 -23.89
C ALA A 225 -20.06 -7.83 -24.79
N PRO A 226 -19.16 -8.17 -25.75
CA PRO A 226 -18.62 -7.15 -26.64
C PRO A 226 -19.80 -6.56 -27.39
N GLY A 227 -19.83 -5.24 -27.52
CA GLY A 227 -20.91 -4.56 -28.22
C GLY A 227 -22.23 -4.51 -27.47
N GLU A 228 -22.36 -5.24 -26.36
CA GLU A 228 -23.60 -5.25 -25.63
C GLU A 228 -23.84 -3.99 -24.82
N ALA A 229 -25.10 -3.70 -24.60
CA ALA A 229 -25.46 -2.56 -23.78
C ALA A 229 -26.48 -3.05 -22.72
N ILE A 230 -26.38 -2.46 -21.52
CA ILE A 230 -27.22 -2.75 -20.37
C ILE A 230 -27.92 -1.46 -20.00
N TYR A 231 -29.23 -1.54 -19.80
CA TYR A 231 -30.04 -0.38 -19.41
C TYR A 231 -30.89 -0.77 -18.19
N ILE A 232 -30.76 0.00 -17.12
CA ILE A 232 -31.51 -0.23 -15.88
C ILE A 232 -32.28 1.05 -15.57
N THR A 233 -33.60 0.95 -15.57
CA THR A 233 -34.44 2.13 -15.30
C THR A 233 -34.33 2.56 -13.82
N GLU A 234 -34.86 3.60 -13.75
CA GLU A 234 -34.93 4.18 -12.44
C GLU A 234 -35.28 3.67 -11.37
N GLU A 235 -36.56 2.63 -11.90
N GLU A 235 -36.59 2.62 -11.87
CA GLU A 235 -37.51 1.72 -11.28
CA GLU A 235 -37.49 1.73 -11.18
C GLU A 235 -36.88 0.35 -11.07
C GLU A 235 -36.85 0.36 -10.97
N GLY A 236 -35.65 0.18 -11.50
CA GLY A 236 -34.97 -1.09 -11.32
C GLY A 236 -35.26 -2.21 -12.31
N GLN A 237 -35.71 -1.86 -13.51
CA GLN A 237 -35.97 -2.86 -14.52
C GLN A 237 -34.73 -2.98 -15.42
N LEU A 238 -34.21 -4.20 -15.57
CA LEU A 238 -33.02 -4.47 -16.40
C LEU A 238 -33.31 -4.83 -17.87
N PHE A 239 -32.60 -4.21 -18.81
CA PHE A 239 -32.71 -4.50 -20.23
C PHE A 239 -31.29 -4.72 -20.73
N THR A 240 -31.11 -5.58 -21.73
CA THR A 240 -29.80 -5.81 -22.33
C THR A 240 -30.00 -5.89 -23.83
N ARG A 241 -29.03 -5.47 -24.62
CA ARG A 241 -29.22 -5.52 -26.05
C ARG A 241 -27.86 -5.47 -26.75
N GLN A 242 -27.67 -6.34 -27.74
CA GLN A 242 -26.43 -6.37 -28.52
C GLN A 242 -26.55 -5.12 -29.39
N CYS A 243 -25.60 -4.20 -29.30
CA CYS A 243 -25.68 -2.94 -30.06
C CYS A 243 -24.60 -2.71 -31.10
N ALA A 244 -23.99 -3.80 -31.56
CA ALA A 244 -22.92 -3.69 -32.54
C ALA A 244 -23.01 -4.85 -33.52
N ASP A 245 -22.44 -4.65 -34.70
CA ASP A 245 -22.39 -5.67 -35.73
C ASP A 245 -21.11 -6.47 -35.57
N ASN A 246 -21.17 -7.75 -35.91
CA ASN A 246 -19.98 -8.61 -35.83
C ASN A 246 -19.20 -8.44 -34.51
N PRO A 247 -19.89 -8.57 -33.36
CA PRO A 247 -19.14 -8.42 -32.10
C PRO A 247 -18.21 -9.64 -31.88
N VAL A 248 -17.03 -9.39 -31.34
CA VAL A 248 -16.09 -10.47 -31.07
C VAL A 248 -15.35 -10.15 -29.77
N SER A 249 -14.79 -11.18 -29.12
N SER A 249 -14.81 -11.18 -29.11
CA SER A 249 -14.04 -11.01 -27.88
CA SER A 249 -14.03 -11.00 -27.88
C SER A 249 -12.51 -10.96 -28.12
C SER A 249 -12.52 -10.95 -28.16
N ASN A 250 -11.91 -9.78 -27.92
CA ASN A 250 -10.48 -9.57 -28.09
C ASN A 250 -10.05 -8.86 -26.79
N PRO A 251 -10.16 -9.55 -25.62
CA PRO A 251 -9.75 -8.84 -24.40
C PRO A 251 -8.30 -8.39 -24.40
N CYS A 252 -8.07 -7.21 -23.82
CA CYS A 252 -6.72 -6.64 -23.66
C CYS A 252 -5.86 -7.62 -22.85
N LEU A 253 -4.80 -8.12 -23.46
CA LEU A 253 -3.89 -9.08 -22.82
C LEU A 253 -3.05 -8.43 -21.71
N PHE A 254 -2.83 -7.13 -21.85
CA PHE A 254 -2.08 -6.35 -20.89
C PHE A 254 -2.72 -6.30 -19.50
N GLU A 255 -4.04 -6.21 -19.44
CA GLU A 255 -4.77 -6.18 -18.17
C GLU A 255 -4.32 -7.35 -17.31
N TYR A 256 -4.22 -8.52 -17.94
CA TYR A 256 -3.82 -9.76 -17.28
C TYR A 256 -2.37 -9.77 -16.77
N VAL A 257 -1.45 -9.13 -17.51
CA VAL A 257 -0.03 -9.09 -17.10
C VAL A 257 0.18 -8.38 -15.75
N TYR A 258 -0.30 -7.15 -15.61
CA TYR A 258 -0.14 -6.48 -14.33
C TYR A 258 -1.18 -5.42 -13.97
N PHE A 259 -1.98 -5.00 -14.94
CA PHE A 259 -2.94 -3.94 -14.69
C PHE A 259 -4.09 -4.26 -13.73
N ALA A 260 -4.81 -5.35 -13.98
CA ALA A 260 -5.94 -5.75 -13.16
C ALA A 260 -5.51 -6.38 -11.84
N ARG A 261 -6.46 -6.52 -10.92
CA ARG A 261 -6.18 -7.13 -9.62
C ARG A 261 -6.20 -8.64 -9.82
N PRO A 262 -5.36 -9.38 -9.06
CA PRO A 262 -5.35 -10.84 -9.23
C PRO A 262 -6.62 -11.56 -8.88
N ASP A 263 -7.44 -10.92 -8.05
CA ASP A 263 -8.67 -11.54 -7.59
C ASP A 263 -9.87 -11.30 -8.48
N SER A 264 -9.65 -10.57 -9.58
CA SER A 264 -10.72 -10.32 -10.55
C SER A 264 -10.81 -11.48 -11.56
N PHE A 265 -11.99 -11.67 -12.12
CA PHE A 265 -12.20 -12.68 -13.15
C PHE A 265 -12.65 -11.87 -14.34
N ILE A 266 -11.78 -11.73 -15.32
CA ILE A 266 -12.07 -10.95 -16.51
C ILE A 266 -12.28 -11.92 -17.66
N ASP A 267 -13.49 -11.85 -18.23
CA ASP A 267 -13.89 -12.73 -19.32
C ASP A 267 -13.63 -14.19 -18.99
N LYS A 268 -14.18 -14.58 -17.85
CA LYS A 268 -14.10 -15.93 -17.32
C LYS A 268 -12.70 -16.43 -16.93
N ILE A 269 -11.71 -15.54 -16.96
CA ILE A 269 -10.34 -15.93 -16.63
C ILE A 269 -9.86 -15.32 -15.30
N SER A 270 -9.38 -16.16 -14.40
CA SER A 270 -8.83 -15.66 -13.15
C SER A 270 -7.49 -14.99 -13.46
N VAL A 271 -7.35 -13.72 -13.13
CA VAL A 271 -6.12 -12.99 -13.38
C VAL A 271 -4.97 -13.67 -12.64
N TYR A 272 -5.24 -14.09 -11.41
CA TYR A 272 -4.26 -14.78 -10.58
C TYR A 272 -3.78 -16.07 -11.23
N SER A 273 -4.73 -16.89 -11.66
CA SER A 273 -4.36 -18.13 -12.28
C SER A 273 -3.65 -17.88 -13.58
N ALA A 274 -4.05 -16.87 -14.34
CA ALA A 274 -3.38 -16.61 -15.60
C ALA A 274 -1.93 -16.21 -15.29
N ARG A 275 -1.72 -15.47 -14.20
CA ARG A 275 -0.36 -15.05 -13.84
C ARG A 275 0.52 -16.22 -13.39
N VAL A 276 -0.06 -17.17 -12.65
CA VAL A 276 0.70 -18.33 -12.23
C VAL A 276 1.14 -19.07 -13.53
N ASN A 277 0.22 -19.20 -14.49
CA ASN A 277 0.49 -19.84 -15.77
C ASN A 277 1.62 -19.17 -16.54
N MET A 278 1.74 -17.85 -16.38
CA MET A 278 2.81 -17.10 -17.06
C MET A 278 4.15 -17.55 -16.48
N GLY A 279 4.19 -17.74 -15.16
CA GLY A 279 5.39 -18.20 -14.51
C GLY A 279 5.69 -19.63 -14.95
N THR A 280 4.66 -20.43 -15.18
CA THR A 280 4.86 -21.78 -15.65
C THR A 280 5.52 -21.75 -17.05
N LYS A 281 4.99 -20.92 -17.93
CA LYS A 281 5.51 -20.78 -19.26
C LYS A 281 6.91 -20.22 -19.24
N LEU A 282 7.11 -19.13 -18.50
CA LEU A 282 8.42 -18.51 -18.45
C LEU A 282 9.48 -19.44 -17.83
N GLY A 283 9.05 -20.23 -16.84
CA GLY A 283 9.92 -21.16 -16.17
C GLY A 283 10.41 -22.24 -17.13
N GLU A 284 9.49 -22.75 -17.93
CA GLU A 284 9.80 -23.75 -18.93
C GLU A 284 10.73 -23.17 -20.01
N LYS A 285 10.49 -21.93 -20.41
CA LYS A 285 11.37 -21.32 -21.39
C LYS A 285 12.80 -21.17 -20.80
N ILE A 286 12.92 -20.72 -19.55
CA ILE A 286 14.21 -20.55 -18.90
C ILE A 286 14.92 -21.89 -18.73
N ALA A 287 14.19 -22.91 -18.26
CA ALA A 287 14.78 -24.24 -18.08
C ALA A 287 15.30 -24.80 -19.41
N ARG A 288 14.74 -24.34 -20.51
CA ARG A 288 15.13 -24.80 -21.84
C ARG A 288 16.29 -23.98 -22.44
N GLU A 289 16.17 -22.65 -22.45
CA GLU A 289 17.19 -21.78 -23.03
C GLU A 289 18.36 -21.44 -22.12
N TRP A 290 18.18 -21.61 -20.83
CA TRP A 290 19.21 -21.28 -19.87
C TRP A 290 19.62 -22.48 -19.05
N GLU A 291 19.61 -23.66 -19.67
N GLU A 291 19.63 -23.63 -19.72
CA GLU A 291 19.97 -24.89 -18.97
CA GLU A 291 20.01 -24.92 -19.13
C GLU A 291 21.34 -24.87 -18.29
C GLU A 291 21.32 -24.92 -18.35
N ASP A 292 22.35 -24.34 -18.97
CA ASP A 292 23.67 -24.31 -18.38
C ASP A 292 24.02 -23.20 -17.43
N LEU A 293 23.13 -22.24 -17.20
CA LEU A 293 23.45 -21.13 -16.32
C LEU A 293 23.43 -21.50 -14.85
N ASP A 294 24.31 -20.85 -14.10
CA ASP A 294 24.37 -21.04 -12.66
C ASP A 294 23.46 -19.97 -12.07
N ILE A 295 22.31 -20.38 -11.55
N ILE A 295 22.31 -20.39 -11.55
CA ILE A 295 21.36 -19.46 -10.91
CA ILE A 295 21.33 -19.53 -10.92
C ILE A 295 21.20 -20.00 -9.51
C ILE A 295 21.23 -20.04 -9.48
N ASP A 296 21.40 -19.15 -8.50
CA ASP A 296 21.32 -19.57 -7.11
C ASP A 296 19.96 -19.36 -6.45
N VAL A 297 19.22 -18.34 -6.92
CA VAL A 297 17.95 -17.99 -6.34
C VAL A 297 17.14 -17.14 -7.33
N VAL A 298 15.82 -17.19 -7.21
CA VAL A 298 14.90 -16.41 -8.05
C VAL A 298 14.32 -15.34 -7.09
N ILE A 299 14.38 -14.07 -7.50
CA ILE A 299 13.91 -12.94 -6.69
C ILE A 299 12.94 -12.08 -7.49
N PRO A 300 11.69 -11.99 -7.04
CA PRO A 300 10.76 -11.16 -7.80
C PRO A 300 10.96 -9.69 -7.51
N ILE A 301 10.57 -8.87 -8.47
CA ILE A 301 10.56 -7.41 -8.33
C ILE A 301 9.06 -7.20 -8.02
N PRO A 302 8.74 -6.81 -6.77
CA PRO A 302 7.38 -6.58 -6.28
C PRO A 302 6.58 -5.59 -7.09
N GLU A 303 5.25 -5.77 -7.10
CA GLU A 303 4.58 -6.85 -6.34
C GLU A 303 3.89 -7.90 -7.17
N THR A 304 3.45 -7.52 -8.38
N THR A 304 3.47 -7.52 -8.37
CA THR A 304 2.75 -8.44 -9.26
CA THR A 304 2.77 -8.41 -9.29
C THR A 304 3.52 -9.72 -9.55
C THR A 304 3.53 -9.72 -9.52
N SER A 305 4.84 -9.60 -9.75
CA SER A 305 5.72 -10.74 -10.04
C SER A 305 6.05 -11.79 -8.98
N CYS A 306 5.71 -11.52 -7.72
CA CYS A 306 5.99 -12.47 -6.64
C CYS A 306 5.42 -13.87 -6.94
N ASP A 307 4.17 -13.94 -7.38
CA ASP A 307 3.61 -15.24 -7.70
C ASP A 307 4.21 -15.85 -8.94
N ILE A 308 4.44 -15.02 -9.94
CA ILE A 308 5.01 -15.44 -11.21
C ILE A 308 6.38 -16.03 -10.93
N ALA A 309 7.17 -15.30 -10.14
CA ALA A 309 8.50 -15.73 -9.78
C ALA A 309 8.46 -16.97 -8.91
N LEU A 310 7.43 -17.10 -8.08
CA LEU A 310 7.33 -18.28 -7.24
C LEU A 310 7.18 -19.50 -8.13
N GLU A 311 6.31 -19.38 -9.12
CA GLU A 311 6.07 -20.49 -10.05
C GLU A 311 7.35 -20.84 -10.81
N ILE A 312 8.10 -19.83 -11.23
CA ILE A 312 9.35 -20.02 -11.96
C ILE A 312 10.37 -20.80 -11.12
N ALA A 313 10.53 -20.40 -9.86
CA ALA A 313 11.45 -21.04 -8.94
C ALA A 313 11.03 -22.48 -8.77
N ARG A 314 9.72 -22.72 -8.69
CA ARG A 314 9.22 -24.10 -8.54
C ARG A 314 9.60 -24.95 -9.75
N ILE A 315 9.29 -24.43 -10.94
CA ILE A 315 9.62 -25.11 -12.20
C ILE A 315 11.15 -25.35 -12.27
N LEU A 316 11.94 -24.31 -11.99
CA LEU A 316 13.39 -24.43 -12.04
C LEU A 316 14.02 -25.21 -10.88
N GLY A 317 13.26 -25.56 -9.84
CA GLY A 317 13.87 -26.28 -8.71
C GLY A 317 14.94 -25.44 -8.00
N LYS A 318 14.71 -24.13 -7.95
CA LYS A 318 15.60 -23.16 -7.33
C LYS A 318 14.86 -22.48 -6.16
N PRO A 319 15.59 -21.97 -5.18
CA PRO A 319 14.87 -21.30 -4.07
C PRO A 319 14.32 -19.94 -4.47
N TYR A 320 13.17 -19.60 -3.89
CA TYR A 320 12.54 -18.31 -4.13
C TYR A 320 12.85 -17.53 -2.87
N ARG A 321 13.37 -16.30 -3.02
CA ARG A 321 13.67 -15.45 -1.88
C ARG A 321 13.22 -13.99 -2.08
N GLN A 322 12.74 -13.37 -1.00
CA GLN A 322 12.31 -11.98 -1.03
C GLN A 322 13.55 -11.08 -0.98
N GLY A 323 14.19 -10.83 -2.12
CA GLY A 323 15.39 -10.00 -2.15
C GLY A 323 15.07 -8.52 -2.20
N PHE A 324 13.88 -8.21 -2.70
CA PHE A 324 13.41 -6.83 -2.81
C PHE A 324 12.12 -6.58 -2.04
N VAL A 325 12.10 -5.49 -1.28
CA VAL A 325 10.92 -5.12 -0.53
C VAL A 325 10.40 -3.81 -1.06
N LYS A 326 9.16 -3.83 -1.49
CA LYS A 326 8.55 -2.64 -2.04
C LYS A 326 8.16 -1.70 -0.90
N ASN A 327 8.57 -0.43 -0.98
CA ASN A 327 8.21 0.57 0.04
C ASN A 327 6.77 0.95 -0.17
N ARG A 328 5.89 0.54 0.73
CA ARG A 328 4.47 0.85 0.57
C ARG A 328 4.20 2.35 0.61
N TYR A 329 5.04 3.10 1.31
CA TYR A 329 4.83 4.53 1.40
C TYR A 329 5.90 5.26 0.67
N VAL A 330 5.51 5.99 -0.35
CA VAL A 330 6.48 6.74 -1.11
C VAL A 330 6.11 8.19 -0.98
N GLY A 331 7.12 9.04 -0.84
CA GLY A 331 6.88 10.46 -0.70
C GLY A 331 7.39 11.20 -1.91
N ARG A 332 7.24 12.53 -1.90
CA ARG A 332 7.69 13.37 -2.99
C ARG A 332 9.05 14.00 -2.72
N THR A 333 9.63 14.60 -3.75
CA THR A 333 10.93 15.25 -3.65
C THR A 333 10.66 16.75 -3.72
N PHE A 334 11.26 17.51 -2.81
CA PHE A 334 11.02 18.93 -2.77
C PHE A 334 12.08 19.79 -3.42
N ILE A 335 11.61 20.81 -4.14
CA ILE A 335 12.45 21.79 -4.83
C ILE A 335 12.70 22.88 -3.80
N MET A 336 13.81 22.77 -3.06
CA MET A 336 14.14 23.74 -2.01
C MET A 336 15.20 24.77 -2.45
N PRO A 337 15.16 26.00 -1.88
CA PRO A 337 16.12 27.07 -2.21
C PRO A 337 17.55 26.76 -1.72
N GLY A 338 18.52 26.90 -2.63
CA GLY A 338 19.92 26.65 -2.33
C GLY A 338 20.36 25.20 -2.39
N GLN A 339 19.48 24.31 -1.96
CA GLN A 339 19.76 22.88 -1.95
C GLN A 339 19.79 22.26 -3.34
N GLN A 340 20.80 21.39 -3.58
CA GLN A 340 20.91 20.74 -4.86
C GLN A 340 19.85 19.64 -4.90
N LEU A 341 19.03 19.65 -5.96
CA LEU A 341 17.99 18.64 -6.14
C LEU A 341 18.67 17.46 -6.82
N ARG A 342 18.92 16.41 -6.05
CA ARG A 342 19.59 15.24 -6.59
C ARG A 342 18.68 14.04 -6.83
N ARG A 343 19.19 13.15 -7.66
CA ARG A 343 18.62 11.88 -8.11
C ARG A 343 17.13 11.51 -8.07
N LYS A 344 16.69 10.94 -9.19
CA LYS A 344 15.33 10.42 -9.31
C LYS A 344 15.60 8.90 -9.04
N SER A 345 15.13 8.38 -7.92
CA SER A 345 15.46 7.00 -7.59
C SER A 345 14.38 5.94 -7.53
N VAL A 346 14.84 4.71 -7.69
CA VAL A 346 14.01 3.51 -7.62
C VAL A 346 14.15 3.07 -6.17
N ARG A 347 15.18 3.59 -5.50
CA ARG A 347 15.43 3.27 -4.10
C ARG A 347 14.28 3.83 -3.23
N ARG A 348 13.57 4.83 -3.75
CA ARG A 348 12.41 5.41 -3.07
C ARG A 348 11.25 4.43 -3.14
N LYS A 349 11.22 3.60 -4.17
CA LYS A 349 10.12 2.68 -4.31
C LYS A 349 10.49 1.28 -3.88
N LEU A 350 11.79 1.01 -3.79
CA LEU A 350 12.27 -0.34 -3.50
C LEU A 350 13.52 -0.44 -2.63
N ASN A 351 13.56 -1.43 -1.75
CA ASN A 351 14.73 -1.63 -0.93
C ASN A 351 15.28 -3.04 -1.16
N ALA A 352 16.60 -3.18 -1.17
CA ALA A 352 17.23 -4.46 -1.38
C ALA A 352 17.64 -5.08 -0.04
N ASN A 353 17.21 -6.31 0.22
CA ASN A 353 17.63 -7.00 1.44
C ASN A 353 19.05 -7.45 1.08
N ARG A 354 20.05 -6.77 1.64
CA ARG A 354 21.45 -7.02 1.36
C ARG A 354 21.85 -8.50 1.39
N ALA A 355 21.50 -9.17 2.48
CA ALA A 355 21.83 -10.58 2.68
C ALA A 355 21.34 -11.55 1.60
N GLU A 356 20.35 -11.14 0.82
CA GLU A 356 19.78 -12.01 -0.20
C GLU A 356 20.45 -12.02 -1.60
N PHE A 357 21.41 -11.13 -1.83
CA PHE A 357 22.13 -11.05 -3.11
C PHE A 357 23.60 -11.43 -3.02
N ARG A 358 24.18 -11.28 -1.82
CA ARG A 358 25.62 -11.52 -1.58
C ARG A 358 26.25 -12.78 -2.16
N ASP A 359 27.17 -12.58 -3.10
CA ASP A 359 27.88 -13.67 -3.77
C ASP A 359 26.96 -14.71 -4.40
N LYS A 360 25.86 -14.24 -4.97
CA LYS A 360 24.93 -15.15 -5.63
C LYS A 360 24.69 -14.71 -7.09
N ASN A 361 24.29 -15.66 -7.94
CA ASN A 361 23.94 -15.36 -9.34
C ASN A 361 22.42 -15.36 -9.16
N VAL A 362 21.82 -14.18 -9.33
CA VAL A 362 20.40 -14.02 -9.10
C VAL A 362 19.55 -13.87 -10.34
N LEU A 363 18.41 -14.54 -10.36
CA LEU A 363 17.47 -14.40 -11.48
C LEU A 363 16.33 -13.52 -10.94
N LEU A 364 16.28 -12.27 -11.40
CA LEU A 364 15.26 -11.31 -11.01
C LEU A 364 14.06 -11.49 -11.96
N VAL A 365 12.83 -11.42 -11.43
CA VAL A 365 11.64 -11.52 -12.28
C VAL A 365 10.81 -10.25 -12.17
N ASP A 366 10.43 -9.68 -13.32
CA ASP A 366 9.59 -8.49 -13.35
C ASP A 366 8.41 -8.78 -14.29
N ASP A 367 7.33 -8.04 -14.10
CA ASP A 367 6.13 -8.23 -14.90
C ASP A 367 6.30 -7.82 -16.35
N SER A 368 7.09 -6.77 -16.60
CA SER A 368 7.33 -6.28 -17.97
C SER A 368 8.42 -5.23 -17.98
N ILE A 369 8.82 -4.83 -19.17
CA ILE A 369 9.85 -3.81 -19.40
C ILE A 369 9.30 -2.82 -20.43
N VAL A 370 9.29 -1.54 -20.05
CA VAL A 370 8.80 -0.47 -20.89
C VAL A 370 9.93 0.47 -21.30
N ARG A 371 10.27 1.43 -20.43
CA ARG A 371 11.35 2.38 -20.68
C ARG A 371 12.70 1.75 -20.37
N GLY A 372 12.71 0.77 -19.47
CA GLY A 372 13.95 0.09 -19.13
C GLY A 372 14.71 0.81 -18.05
N THR A 373 14.25 1.99 -17.67
CA THR A 373 14.91 2.81 -16.67
C THR A 373 15.00 2.14 -15.31
N THR A 374 13.86 1.71 -14.78
CA THR A 374 13.86 1.09 -13.47
C THR A 374 14.66 -0.19 -13.42
N SER A 375 14.47 -1.09 -14.40
N SER A 375 14.47 -1.07 -14.42
CA SER A 375 15.20 -2.36 -14.44
CA SER A 375 15.16 -2.35 -14.51
C SER A 375 16.70 -2.13 -14.39
C SER A 375 16.68 -2.14 -14.43
N GLU A 376 17.14 -1.07 -15.08
CA GLU A 376 18.54 -0.71 -15.11
C GLU A 376 19.06 -0.43 -13.70
N GLN A 377 18.30 0.36 -12.96
CA GLN A 377 18.67 0.72 -11.60
C GLN A 377 18.55 -0.44 -10.62
N ILE A 378 17.55 -1.28 -10.83
CA ILE A 378 17.31 -2.43 -9.99
C ILE A 378 18.48 -3.39 -10.10
N ILE A 379 18.90 -3.66 -11.34
CA ILE A 379 20.03 -4.56 -11.58
C ILE A 379 21.25 -3.96 -10.88
N GLU A 380 21.35 -2.64 -10.93
CA GLU A 380 22.43 -1.94 -10.31
C GLU A 380 22.40 -2.18 -8.79
N MET A 381 21.20 -2.08 -8.22
CA MET A 381 21.05 -2.29 -6.80
C MET A 381 21.44 -3.71 -6.43
N ALA A 382 21.13 -4.67 -7.29
CA ALA A 382 21.49 -6.05 -7.01
C ALA A 382 23.00 -6.19 -6.90
N ARG A 383 23.72 -5.56 -7.82
CA ARG A 383 25.18 -5.60 -7.82
C ARG A 383 25.72 -4.94 -6.55
N GLU A 384 25.20 -3.76 -6.21
CA GLU A 384 25.63 -3.05 -4.99
C GLU A 384 25.47 -3.96 -3.76
N ALA A 385 24.40 -4.76 -3.76
CA ALA A 385 24.14 -5.68 -2.64
C ALA A 385 25.05 -6.91 -2.67
N GLY A 386 25.96 -6.94 -3.63
CA GLY A 386 26.92 -8.03 -3.73
C GLY A 386 26.61 -9.18 -4.67
N ALA A 387 25.64 -8.99 -5.57
CA ALA A 387 25.29 -10.04 -6.51
C ALA A 387 26.42 -10.20 -7.56
N LYS A 388 26.69 -11.46 -7.96
CA LYS A 388 27.71 -11.76 -8.97
C LYS A 388 27.06 -11.56 -10.33
N LYS A 389 26.34 -12.56 -10.80
CA LYS A 389 25.66 -12.46 -12.09
C LYS A 389 24.20 -12.08 -11.81
N VAL A 390 23.69 -11.17 -12.63
CA VAL A 390 22.33 -10.70 -12.50
C VAL A 390 21.60 -10.94 -13.81
N TYR A 391 20.57 -11.77 -13.75
N TYR A 391 20.57 -11.77 -13.75
CA TYR A 391 19.74 -12.11 -14.89
CA TYR A 391 19.75 -12.10 -14.91
C TYR A 391 18.35 -11.52 -14.67
C TYR A 391 18.35 -11.54 -14.68
N LEU A 392 17.67 -11.20 -15.76
CA LEU A 392 16.34 -10.65 -15.66
C LEU A 392 15.39 -11.35 -16.62
N ALA A 393 14.21 -11.70 -16.11
CA ALA A 393 13.18 -12.33 -16.92
C ALA A 393 11.90 -11.48 -16.86
N SER A 394 11.27 -11.28 -18.01
CA SER A 394 10.07 -10.49 -18.11
C SER A 394 8.86 -11.35 -18.38
N ALA A 395 7.86 -11.23 -17.51
CA ALA A 395 6.60 -11.98 -17.62
C ALA A 395 5.87 -11.67 -18.93
N ALA A 396 6.09 -10.47 -19.44
CA ALA A 396 5.48 -10.06 -20.69
C ALA A 396 6.54 -10.04 -21.79
N PRO A 397 6.11 -10.18 -23.07
CA PRO A 397 7.01 -10.15 -24.23
C PRO A 397 7.52 -8.72 -24.36
N GLU A 398 8.33 -8.46 -25.38
CA GLU A 398 8.88 -7.12 -25.61
C GLU A 398 7.71 -6.17 -25.86
N ILE A 399 7.77 -4.97 -25.30
CA ILE A 399 6.72 -3.96 -25.50
C ILE A 399 7.33 -3.00 -26.51
N ARG A 400 6.91 -3.14 -27.76
CA ARG A 400 7.51 -2.34 -28.85
C ARG A 400 6.64 -1.26 -29.44
N PHE A 401 5.33 -1.42 -29.29
CA PHE A 401 4.40 -0.47 -29.86
C PHE A 401 3.50 0.21 -28.80
N PRO A 402 3.05 1.44 -29.10
CA PRO A 402 2.19 2.18 -28.20
C PRO A 402 0.75 1.63 -28.11
N ASN A 403 0.12 1.76 -26.93
CA ASN A 403 -1.26 1.32 -26.78
C ASN A 403 -2.18 2.55 -27.01
N VAL A 404 -3.13 2.41 -27.92
CA VAL A 404 -4.10 3.47 -28.23
C VAL A 404 -5.55 3.08 -27.79
N TYR A 405 -5.66 2.07 -26.90
CA TYR A 405 -6.95 1.59 -26.45
C TYR A 405 -7.30 1.85 -24.97
N GLY A 406 -6.55 2.73 -24.32
CA GLY A 406 -6.87 3.03 -22.95
C GLY A 406 -5.74 2.86 -21.98
N ILE A 407 -4.76 2.02 -22.31
CA ILE A 407 -3.62 1.84 -21.41
C ILE A 407 -2.54 2.89 -21.75
N ASP A 408 -2.07 3.60 -20.74
CA ASP A 408 -1.04 4.64 -20.94
C ASP A 408 0.32 4.04 -21.20
N MET A 409 0.94 4.42 -22.31
CA MET A 409 2.28 3.95 -22.70
C MET A 409 3.00 5.16 -23.27
N PRO A 410 4.33 5.21 -23.17
CA PRO A 410 5.03 6.37 -23.74
C PRO A 410 5.11 6.15 -25.26
N SER A 411 5.59 7.14 -26.01
CA SER A 411 5.72 6.99 -27.47
C SER A 411 6.75 5.91 -27.83
N ALA A 412 6.58 5.32 -29.01
CA ALA A 412 7.47 4.26 -29.52
C ALA A 412 8.95 4.54 -29.29
N THR A 413 9.35 5.79 -29.38
CA THR A 413 10.74 6.16 -29.18
C THR A 413 11.24 5.90 -27.76
N GLU A 414 10.37 6.06 -26.78
CA GLU A 414 10.75 5.87 -25.40
C GLU A 414 10.65 4.41 -24.90
N LEU A 415 10.25 3.50 -25.79
CA LEU A 415 10.13 2.08 -25.46
C LEU A 415 11.44 1.43 -25.80
N ILE A 416 12.19 1.02 -24.80
CA ILE A 416 13.49 0.40 -25.02
C ILE A 416 13.50 -0.74 -26.08
N ALA A 417 12.48 -1.59 -26.08
CA ALA A 417 12.44 -2.69 -27.04
C ALA A 417 12.10 -2.27 -28.45
N HIS A 418 11.61 -1.05 -28.64
CA HIS A 418 11.26 -0.59 -29.98
C HIS A 418 12.49 -0.43 -30.86
N GLY A 419 12.57 -1.25 -31.88
CA GLY A 419 13.70 -1.17 -32.79
C GLY A 419 14.95 -1.81 -32.23
N ARG A 420 14.84 -2.60 -31.17
CA ARG A 420 16.00 -3.25 -30.56
C ARG A 420 15.78 -4.72 -30.33
N GLU A 421 16.87 -5.49 -30.40
CA GLU A 421 16.80 -6.93 -30.19
C GLU A 421 17.08 -7.16 -28.69
N VAL A 422 16.78 -8.36 -28.21
CA VAL A 422 16.99 -8.72 -26.80
C VAL A 422 18.40 -8.41 -26.30
N ASP A 423 19.43 -8.87 -27.01
CA ASP A 423 20.80 -8.62 -26.57
C ASP A 423 21.14 -7.15 -26.41
N GLU A 424 20.69 -6.30 -27.33
CA GLU A 424 20.99 -4.88 -27.20
C GLU A 424 20.28 -4.27 -25.99
N ILE A 425 19.02 -4.67 -25.78
CA ILE A 425 18.22 -4.20 -24.65
C ILE A 425 18.97 -4.62 -23.40
N ARG A 426 19.43 -5.87 -23.40
CA ARG A 426 20.21 -6.40 -22.27
C ARG A 426 21.45 -5.60 -21.96
N GLN A 427 22.19 -5.19 -23.00
CA GLN A 427 23.41 -4.43 -22.79
C GLN A 427 23.15 -3.05 -22.24
N ILE A 428 22.06 -2.44 -22.72
CA ILE A 428 21.65 -1.11 -22.25
C ILE A 428 21.28 -1.14 -20.75
N ILE A 429 20.44 -2.09 -20.33
CA ILE A 429 20.04 -2.18 -18.93
C ILE A 429 21.15 -2.80 -18.08
N GLY A 430 22.20 -3.28 -18.75
CA GLY A 430 23.36 -3.84 -18.07
C GLY A 430 23.20 -5.16 -17.36
N ALA A 431 22.37 -6.03 -17.91
CA ALA A 431 22.12 -7.32 -17.31
C ALA A 431 23.08 -8.35 -17.87
N ASP A 432 23.31 -9.43 -17.11
CA ASP A 432 24.16 -10.51 -17.56
C ASP A 432 23.34 -11.42 -18.47
N GLY A 433 22.03 -11.29 -18.38
CA GLY A 433 21.16 -12.08 -19.21
C GLY A 433 19.75 -11.51 -19.19
N LEU A 434 19.04 -11.60 -20.31
CA LEU A 434 17.69 -11.10 -20.41
C LEU A 434 16.84 -12.07 -21.23
N ILE A 435 15.66 -12.40 -20.72
CA ILE A 435 14.77 -13.32 -21.40
C ILE A 435 13.34 -12.78 -21.22
N PHE A 436 12.60 -12.75 -22.33
CA PHE A 436 11.20 -12.29 -22.34
C PHE A 436 10.25 -13.49 -22.61
N GLN A 437 9.01 -13.39 -22.11
CA GLN A 437 7.98 -14.40 -22.35
C GLN A 437 7.65 -14.35 -23.86
N ASP A 438 7.40 -15.49 -24.48
CA ASP A 438 7.03 -15.49 -25.90
C ASP A 438 5.56 -15.07 -25.91
N LEU A 439 5.17 -14.27 -26.89
CA LEU A 439 3.80 -13.82 -27.02
C LEU A 439 2.81 -15.01 -27.07
N ASN A 440 3.12 -16.02 -27.88
CA ASN A 440 2.22 -17.17 -27.99
C ASN A 440 2.13 -17.92 -26.66
N ASP A 441 3.14 -17.76 -25.81
CA ASP A 441 3.10 -18.42 -24.51
C ASP A 441 2.21 -17.63 -23.56
N LEU A 442 2.28 -16.30 -23.68
CA LEU A 442 1.46 -15.43 -22.86
C LEU A 442 0.01 -15.75 -23.24
N ILE A 443 -0.25 -15.81 -24.54
CA ILE A 443 -1.59 -16.12 -25.04
C ILE A 443 -2.12 -17.40 -24.48
N ASP A 444 -1.30 -18.46 -24.48
CA ASP A 444 -1.74 -19.74 -23.95
C ASP A 444 -1.92 -19.74 -22.44
N ALA A 445 -1.13 -18.94 -21.74
CA ALA A 445 -1.22 -18.86 -20.28
C ALA A 445 -2.59 -18.33 -19.85
N VAL A 446 -3.05 -17.31 -20.58
CA VAL A 446 -4.32 -16.67 -20.33
C VAL A 446 -5.48 -17.48 -20.92
N ARG A 447 -5.31 -17.91 -22.16
CA ARG A 447 -6.31 -18.67 -22.87
C ARG A 447 -6.63 -19.99 -22.21
N ALA A 448 -5.63 -20.61 -21.56
CA ALA A 448 -5.85 -21.89 -20.86
C ALA A 448 -7.02 -21.77 -19.84
N GLU A 449 -7.17 -20.58 -19.27
CA GLU A 449 -8.24 -20.33 -18.31
C GLU A 449 -9.63 -20.22 -18.99
N ASN A 450 -9.67 -19.80 -20.25
CA ASN A 450 -10.92 -19.68 -21.00
C ASN A 450 -10.58 -19.87 -22.47
N PRO A 451 -10.56 -21.12 -22.92
CA PRO A 451 -10.25 -21.45 -24.32
C PRO A 451 -11.22 -20.88 -25.39
N ASP A 452 -12.32 -20.26 -24.94
CA ASP A 452 -13.28 -19.68 -25.87
C ASP A 452 -12.75 -18.43 -26.54
N ILE A 453 -11.78 -17.78 -25.89
CA ILE A 453 -11.19 -16.59 -26.47
C ILE A 453 -10.22 -17.08 -27.57
N GLN A 454 -10.42 -16.62 -28.80
CA GLN A 454 -9.59 -17.02 -29.92
C GLN A 454 -8.41 -16.08 -30.07
N GLN A 455 -8.67 -14.78 -29.93
CA GLN A 455 -7.63 -13.75 -30.05
C GLN A 455 -7.84 -12.61 -29.06
N PHE A 456 -6.72 -12.15 -28.52
CA PHE A 456 -6.73 -11.06 -27.59
C PHE A 456 -6.23 -9.82 -28.30
N GLU A 457 -6.37 -8.68 -27.64
CA GLU A 457 -5.87 -7.41 -28.14
C GLU A 457 -4.38 -7.47 -27.68
N CYS A 458 -3.47 -7.59 -28.64
CA CYS A 458 -2.04 -7.71 -28.33
C CYS A 458 -1.17 -6.60 -28.94
N SER A 459 -1.75 -5.47 -29.30
CA SER A 459 -0.97 -4.42 -29.98
C SER A 459 0.37 -3.94 -29.43
N VAL A 460 0.50 -3.80 -28.10
CA VAL A 460 1.76 -3.33 -27.54
C VAL A 460 2.87 -4.32 -27.80
N PHE A 461 2.46 -5.55 -28.09
CA PHE A 461 3.44 -6.62 -28.34
C PHE A 461 3.74 -6.87 -29.82
N ASN A 462 2.69 -6.95 -30.66
CA ASN A 462 2.87 -7.22 -32.10
C ASN A 462 2.59 -6.11 -33.11
N GLY A 463 2.05 -4.98 -32.66
CA GLY A 463 1.79 -3.85 -33.56
C GLY A 463 0.61 -4.00 -34.47
N VAL A 464 -0.25 -4.96 -34.17
CA VAL A 464 -1.45 -5.23 -34.93
C VAL A 464 -2.63 -4.67 -34.09
N TYR A 465 -3.22 -3.58 -34.58
CA TYR A 465 -4.36 -2.90 -33.96
C TYR A 465 -5.64 -3.36 -34.66
N VAL A 466 -6.45 -4.09 -33.92
CA VAL A 466 -7.68 -4.66 -34.44
C VAL A 466 -8.65 -3.69 -35.14
N THR A 467 -8.65 -2.43 -34.73
CA THR A 467 -9.56 -1.47 -35.35
C THR A 467 -9.09 -0.98 -36.73
N LYS A 468 -7.93 -1.47 -37.16
CA LYS A 468 -7.34 -1.17 -38.48
C LYS A 468 -7.28 0.28 -38.88
N ASP A 469 -7.05 1.16 -37.92
CA ASP A 469 -7.01 2.58 -38.26
C ASP A 469 -5.83 3.28 -37.62
N VAL A 470 -4.80 2.50 -37.31
CA VAL A 470 -3.61 3.06 -36.69
C VAL A 470 -2.41 3.01 -37.61
N ASP A 471 -1.80 4.16 -37.85
CA ASP A 471 -0.61 4.29 -38.67
C ASP A 471 0.28 5.34 -38.03
N GLN A 472 1.47 5.55 -38.57
CA GLN A 472 2.38 6.52 -37.98
C GLN A 472 1.78 7.93 -37.83
N GLY A 473 1.01 8.37 -38.82
CA GLY A 473 0.39 9.68 -38.78
C GLY A 473 -0.38 9.91 -37.49
N TYR A 474 -1.22 8.91 -37.18
CA TYR A 474 -2.04 8.93 -35.96
C TYR A 474 -1.15 8.92 -34.69
N LEU A 475 -0.15 8.04 -34.65
CA LEU A 475 0.73 7.96 -33.50
C LEU A 475 1.47 9.28 -33.29
N ASP A 476 1.79 9.98 -34.39
CA ASP A 476 2.46 11.28 -34.30
C ASP A 476 1.47 12.26 -33.72
N PHE A 477 0.21 12.14 -34.14
CA PHE A 477 -0.82 13.02 -33.64
C PHE A 477 -0.90 12.89 -32.12
N LEU A 478 -0.89 11.65 -31.63
CA LEU A 478 -0.96 11.40 -30.19
C LEU A 478 0.20 12.04 -29.43
N ASP A 479 1.39 12.04 -30.04
CA ASP A 479 2.56 12.65 -29.42
C ASP A 479 2.45 14.15 -29.24
N THR A 480 1.82 14.83 -30.20
CA THR A 480 1.64 16.26 -30.08
C THR A 480 0.69 16.55 -28.89
N LEU A 481 -0.24 15.64 -28.63
CA LEU A 481 -1.18 15.77 -27.50
C LEU A 481 -0.40 15.68 -26.19
N ARG A 482 0.51 14.71 -26.11
CA ARG A 482 1.34 14.55 -24.92
C ARG A 482 2.15 15.81 -24.67
N ASN A 483 2.65 16.43 -25.74
CA ASN A 483 3.44 17.65 -25.65
C ASN A 483 2.66 18.81 -25.07
N ASP A 484 1.38 18.89 -25.40
CA ASP A 484 0.49 19.94 -24.89
C ASP A 484 0.10 19.64 -23.42
N ASP A 485 -0.09 18.35 -23.09
CA ASP A 485 -0.43 17.91 -21.73
C ASP A 485 0.73 18.23 -20.79
N ALA A 486 1.94 18.05 -21.32
CA ALA A 486 3.17 18.31 -20.59
C ALA A 486 3.24 19.80 -20.22
N LYS A 487 3.11 20.69 -21.23
CA LYS A 487 3.13 22.13 -20.99
C LYS A 487 2.12 22.57 -19.93
N ALA A 488 0.97 21.89 -19.90
CA ALA A 488 -0.11 22.15 -18.94
C ALA A 488 0.24 21.69 -17.51
N VAL A 489 0.76 20.47 -17.38
CA VAL A 489 1.15 19.92 -16.08
C VAL A 489 2.40 20.64 -15.53
N GLN A 490 3.31 21.00 -16.43
CA GLN A 490 4.56 21.70 -16.08
C GLN A 490 4.15 23.01 -15.42
N ARG A 491 3.17 23.65 -16.04
CA ARG A 491 2.60 24.92 -15.58
C ARG A 491 2.12 24.83 -14.11
N GLN A 492 1.49 23.70 -13.75
CA GLN A 492 1.01 23.48 -12.39
C GLN A 492 2.09 22.86 -11.50
N CYS B 1 6.01 2.88 17.03
CA CYS B 1 6.52 4.24 16.70
C CYS B 1 7.89 4.03 16.09
N GLY B 2 8.38 5.01 15.33
CA GLY B 2 9.66 4.90 14.70
C GLY B 2 10.36 6.21 14.90
N ILE B 3 11.69 6.18 15.07
CA ILE B 3 12.48 7.40 15.26
C ILE B 3 13.65 7.43 14.26
N VAL B 4 14.16 8.62 13.99
N VAL B 4 14.15 8.63 13.98
CA VAL B 4 15.30 8.76 13.09
CA VAL B 4 15.27 8.82 13.06
C VAL B 4 16.02 10.03 13.50
C VAL B 4 16.02 10.05 13.53
N GLY B 5 17.34 10.01 13.37
CA GLY B 5 18.15 11.17 13.72
C GLY B 5 19.30 11.16 12.73
N ILE B 6 19.60 12.30 12.12
CA ILE B 6 20.71 12.38 11.17
C ILE B 6 21.55 13.61 11.52
N ALA B 7 22.86 13.40 11.69
CA ALA B 7 23.80 14.46 11.98
C ALA B 7 24.63 14.54 10.70
N GLY B 8 24.24 15.40 9.78
CA GLY B 8 25.01 15.47 8.54
C GLY B 8 25.83 16.72 8.31
N VAL B 9 26.32 16.86 7.09
CA VAL B 9 27.12 18.00 6.68
C VAL B 9 26.42 18.83 5.60
N MET B 10 25.25 18.36 5.19
CA MET B 10 24.44 19.04 4.18
C MET B 10 22.97 18.94 4.67
N PRO B 11 22.03 19.72 4.07
CA PRO B 11 20.62 19.72 4.48
C PRO B 11 20.00 18.33 4.72
N VAL B 12 19.38 18.16 5.90
CA VAL B 12 18.78 16.88 6.28
C VAL B 12 17.28 16.73 6.13
N ASN B 13 16.59 17.79 5.77
CA ASN B 13 15.14 17.68 5.71
C ASN B 13 14.58 16.61 4.78
N GLN B 14 15.05 16.57 3.54
CA GLN B 14 14.55 15.56 2.60
C GLN B 14 14.92 14.17 3.06
N SER B 15 16.15 14.01 3.54
CA SER B 15 16.60 12.71 4.02
C SER B 15 15.81 12.20 5.24
N ILE B 16 15.47 13.10 6.17
CA ILE B 16 14.75 12.64 7.35
C ILE B 16 13.35 12.22 6.91
N TYR B 17 12.76 13.02 6.03
CA TYR B 17 11.44 12.77 5.49
C TYR B 17 11.42 11.40 4.78
N ASP B 18 12.46 11.11 3.99
CA ASP B 18 12.54 9.82 3.28
C ASP B 18 12.72 8.67 4.23
N ALA B 19 13.56 8.85 5.25
CA ALA B 19 13.79 7.80 6.24
C ALA B 19 12.44 7.45 6.93
N LEU B 20 11.68 8.47 7.32
CA LEU B 20 10.36 8.23 7.95
C LEU B 20 9.43 7.51 6.99
N THR B 21 9.46 7.80 5.68
CA THR B 21 8.57 7.09 4.76
C THR B 21 8.78 5.58 4.79
N VAL B 22 10.02 5.14 5.01
CA VAL B 22 10.32 3.69 5.09
C VAL B 22 10.16 3.12 6.50
N LEU B 23 9.90 4.01 7.46
CA LEU B 23 9.64 3.64 8.83
C LEU B 23 8.14 3.85 9.10
N GLN B 24 7.43 4.32 8.07
CA GLN B 24 6.01 4.63 8.15
C GLN B 24 5.17 3.49 8.69
N HIS B 25 5.59 2.25 8.48
CA HIS B 25 4.86 1.10 9.01
C HIS B 25 4.85 0.99 10.57
N ARG B 26 5.68 1.78 11.25
CA ARG B 26 5.75 1.76 12.72
C ARG B 26 4.73 2.70 13.41
N GLY B 27 3.97 3.43 12.58
CA GLY B 27 2.96 4.34 13.10
C GLY B 27 2.54 5.28 12.00
N GLN B 28 1.25 5.36 11.72
CA GLN B 28 0.71 6.24 10.66
C GLN B 28 -0.21 7.31 11.25
N ASP B 29 -0.22 7.44 12.58
CA ASP B 29 -1.07 8.42 13.22
C ASP B 29 -0.60 9.85 13.11
N ALA B 30 0.68 10.08 13.31
CA ALA B 30 1.22 11.45 13.22
C ALA B 30 2.67 11.34 12.81
N ALA B 31 3.29 12.47 12.53
CA ALA B 31 4.69 12.46 12.15
C ALA B 31 5.26 13.80 12.55
N GLY B 32 6.54 13.81 12.87
CA GLY B 32 7.19 15.05 13.24
C GLY B 32 8.65 15.06 12.87
N ILE B 33 9.14 16.21 12.45
CA ILE B 33 10.54 16.39 12.11
C ILE B 33 11.00 17.71 12.71
N ILE B 34 12.15 17.71 13.37
CA ILE B 34 12.68 18.95 13.93
C ILE B 34 14.17 19.03 13.54
N THR B 35 14.64 20.23 13.20
CA THR B 35 16.02 20.46 12.80
C THR B 35 16.60 21.63 13.58
N ILE B 36 17.92 21.79 13.51
CA ILE B 36 18.61 22.89 14.17
C ILE B 36 19.11 23.69 12.98
N ASP B 37 18.68 24.94 12.86
CA ASP B 37 19.12 25.71 11.72
C ASP B 37 20.51 26.33 11.93
N ALA B 38 20.93 27.15 10.97
CA ALA B 38 22.24 27.81 11.01
C ALA B 38 22.40 28.77 12.19
N ASN B 39 21.28 29.21 12.77
CA ASN B 39 21.28 30.13 13.91
C ASN B 39 21.09 29.44 15.25
N ASN B 40 21.31 28.14 15.29
CA ASN B 40 21.12 27.40 16.53
C ASN B 40 19.74 27.52 17.16
N CYS B 41 18.73 27.34 16.32
CA CYS B 41 17.35 27.38 16.76
C CYS B 41 16.64 26.19 16.16
N PHE B 42 15.62 25.69 16.86
CA PHE B 42 14.84 24.58 16.36
C PHE B 42 13.81 25.07 15.35
N ARG B 43 13.53 24.22 14.36
CA ARG B 43 12.53 24.44 13.31
C ARG B 43 11.77 23.13 13.40
N LEU B 44 10.45 23.21 13.49
CA LEU B 44 9.64 22.01 13.68
C LEU B 44 8.35 21.97 12.91
N ARG B 45 7.99 20.76 12.48
CA ARG B 45 6.75 20.53 11.80
C ARG B 45 6.31 19.14 12.17
N LYS B 46 5.21 19.04 12.91
CA LYS B 46 4.60 17.79 13.35
C LYS B 46 3.07 17.96 13.30
N ALA B 47 2.35 16.90 12.96
CA ALA B 47 0.88 16.95 12.88
C ALA B 47 0.37 15.53 12.65
N ASN B 48 -0.95 15.37 12.70
CA ASN B 48 -1.56 14.07 12.44
C ASN B 48 -1.45 13.72 10.96
N GLY B 49 -1.43 12.43 10.63
CA GLY B 49 -1.36 12.04 9.24
C GLY B 49 -0.06 11.34 8.81
N LEU B 50 -0.08 10.80 7.60
CA LEU B 50 1.09 10.13 7.07
C LEU B 50 2.16 11.16 6.83
N VAL B 51 3.41 10.71 6.73
CA VAL B 51 4.52 11.62 6.45
C VAL B 51 4.25 12.45 5.20
N SER B 52 3.81 11.78 4.14
CA SER B 52 3.51 12.43 2.84
C SER B 52 2.43 13.51 2.91
N ASP B 53 1.56 13.44 3.93
CA ASP B 53 0.52 14.44 4.09
C ASP B 53 0.93 15.56 5.05
N VAL B 54 1.68 15.21 6.09
CA VAL B 54 2.10 16.15 7.13
C VAL B 54 3.07 17.22 6.65
N PHE B 55 4.05 16.83 5.85
CA PHE B 55 5.07 17.76 5.37
C PHE B 55 4.87 18.22 3.92
N GLU B 56 4.54 19.50 3.78
CA GLU B 56 4.33 20.13 2.49
C GLU B 56 5.54 21.04 2.21
N ALA B 57 5.63 21.56 1.00
CA ALA B 57 6.76 22.39 0.64
C ALA B 57 7.06 23.52 1.65
N ARG B 58 6.02 24.24 2.09
CA ARG B 58 6.18 25.36 3.04
C ARG B 58 6.75 24.93 4.38
N HIS B 59 6.53 23.67 4.73
CA HIS B 59 7.06 23.13 5.97
C HIS B 59 8.52 22.74 5.75
N MET B 60 8.80 22.10 4.62
CA MET B 60 10.18 21.70 4.31
C MET B 60 11.10 22.91 4.20
N GLN B 61 10.58 24.03 3.70
CA GLN B 61 11.37 25.25 3.57
C GLN B 61 11.82 25.75 4.93
N ARG B 62 10.95 25.66 5.91
CA ARG B 62 11.34 26.13 7.22
C ARG B 62 12.26 25.13 7.95
N LEU B 63 12.22 23.85 7.60
CA LEU B 63 13.09 22.84 8.24
C LEU B 63 14.53 22.83 7.69
N GLN B 64 15.23 23.92 7.95
CA GLN B 64 16.59 24.11 7.52
C GLN B 64 17.60 23.59 8.54
N GLY B 65 18.83 23.32 8.09
CA GLY B 65 19.86 22.84 8.98
C GLY B 65 20.43 21.51 8.55
N ASN B 66 21.60 21.16 9.08
CA ASN B 66 22.30 19.92 8.76
C ASN B 66 22.18 18.79 9.81
N MET B 67 21.32 18.97 10.80
CA MET B 67 21.12 17.96 11.82
C MET B 67 19.65 18.02 12.18
N GLY B 68 19.04 16.86 12.41
CA GLY B 68 17.64 16.81 12.76
C GLY B 68 17.15 15.43 13.15
N ILE B 69 15.98 15.33 13.78
CA ILE B 69 15.38 14.05 14.19
C ILE B 69 13.92 14.00 13.71
N GLY B 70 13.38 12.78 13.59
CA GLY B 70 12.03 12.60 13.10
C GLY B 70 11.36 11.51 13.90
N HIS B 71 10.04 11.46 13.81
CA HIS B 71 9.24 10.48 14.54
C HIS B 71 7.89 10.25 13.81
N VAL B 72 7.42 8.99 13.77
CA VAL B 72 6.12 8.66 13.21
C VAL B 72 5.45 7.98 14.40
N ARG B 73 4.18 8.30 14.61
CA ARG B 73 3.43 7.79 15.75
C ARG B 73 2.40 6.70 15.54
N TYR B 74 2.42 5.73 16.45
CA TYR B 74 1.43 4.66 16.51
C TYR B 74 0.76 5.09 17.84
N PRO B 75 -0.58 5.32 17.86
CA PRO B 75 -1.23 5.77 19.10
C PRO B 75 -1.31 4.69 20.17
N THR B 76 -0.94 5.08 21.38
CA THR B 76 -0.94 4.16 22.52
C THR B 76 -1.48 4.89 23.75
N ALA B 77 -1.71 4.15 24.84
CA ALA B 77 -2.25 4.72 26.08
C ALA B 77 -1.38 5.88 26.53
N GLY B 78 -2.00 7.05 26.61
CA GLY B 78 -1.30 8.26 27.00
C GLY B 78 -0.94 9.11 25.79
N SER B 79 -1.12 8.58 24.58
CA SER B 79 -0.80 9.31 23.34
C SER B 79 -1.84 9.04 22.25
N SER B 80 -3.02 9.64 22.37
CA SER B 80 -4.07 9.39 21.38
C SER B 80 -3.86 10.25 20.14
N SER B 81 -4.65 10.02 19.10
CA SER B 81 -4.55 10.80 17.88
C SER B 81 -4.77 12.23 18.20
N ALA B 82 -5.63 12.49 19.18
CA ALA B 82 -5.96 13.83 19.61
C ALA B 82 -4.82 14.59 20.30
N SER B 83 -3.97 13.89 21.03
CA SER B 83 -2.88 14.54 21.75
C SER B 83 -1.74 15.07 20.90
N GLU B 84 -0.87 15.83 21.54
CA GLU B 84 0.28 16.41 20.87
C GLU B 84 1.27 15.29 20.45
N ALA B 85 1.78 15.38 19.22
CA ALA B 85 2.69 14.37 18.70
C ALA B 85 4.16 14.69 19.05
N GLN B 86 5.05 13.77 18.69
CA GLN B 86 6.47 13.97 18.88
C GLN B 86 7.06 14.49 17.58
N PRO B 87 8.28 15.02 17.63
CA PRO B 87 9.07 15.14 18.88
C PRO B 87 8.67 16.23 19.85
N PHE B 88 8.95 16.00 21.13
N PHE B 88 9.03 16.05 21.11
CA PHE B 88 8.66 16.97 22.18
CA PHE B 88 8.75 17.05 22.14
C PHE B 88 9.82 17.97 22.34
C PHE B 88 10.06 17.81 22.39
N TYR B 89 9.57 19.04 23.08
N TYR B 89 9.94 19.09 22.74
CA TYR B 89 10.59 20.06 23.29
CA TYR B 89 11.12 19.89 23.06
C TYR B 89 10.50 20.76 24.64
C TYR B 89 10.90 20.90 24.19
N VAL B 90 11.67 21.23 25.11
N VAL B 90 11.97 21.22 24.90
CA VAL B 90 11.84 22.01 26.32
CA VAL B 90 11.96 22.19 25.99
C VAL B 90 12.93 23.03 25.97
C VAL B 90 13.15 23.11 25.79
N ASN B 91 12.88 24.21 26.58
N ASN B 91 12.96 24.40 26.00
CA ASN B 91 13.82 25.28 26.28
CA ASN B 91 14.02 25.39 25.84
C ASN B 91 14.96 25.42 27.28
C ASN B 91 15.02 25.53 26.99
N SER B 92 14.88 24.71 28.39
N SER B 92 15.03 24.59 27.94
CA SER B 92 15.93 24.77 29.38
CA SER B 92 15.98 24.68 29.06
C SER B 92 16.16 23.38 29.96
C SER B 92 16.17 23.35 29.80
N PRO B 93 17.43 23.01 30.15
CA PRO B 93 18.59 23.85 29.86
C PRO B 93 18.96 23.69 28.36
N TYR B 94 19.55 24.74 27.78
CA TYR B 94 20.04 24.80 26.39
C TYR B 94 19.08 24.76 25.21
N GLY B 95 18.05 23.93 25.30
CA GLY B 95 17.11 23.75 24.21
C GLY B 95 17.33 22.29 23.87
N ILE B 96 16.38 21.44 24.21
CA ILE B 96 16.50 20.00 24.01
C ILE B 96 15.22 19.46 23.41
N THR B 97 15.37 18.58 22.40
CA THR B 97 14.22 17.93 21.74
C THR B 97 14.48 16.44 21.70
N LEU B 98 13.44 15.63 21.83
CA LEU B 98 13.64 14.18 21.86
C LEU B 98 12.53 13.40 21.19
N ALA B 99 12.85 12.22 20.67
CA ALA B 99 11.84 11.39 20.02
C ALA B 99 12.05 10.03 20.62
N HIS B 100 10.96 9.34 20.90
CA HIS B 100 11.07 8.10 21.61
C HIS B 100 10.11 7.00 21.13
N ASN B 101 10.63 5.77 21.05
CA ASN B 101 9.81 4.61 20.70
C ASN B 101 9.97 3.71 21.91
N GLY B 102 8.89 3.51 22.67
CA GLY B 102 8.96 2.67 23.85
C GLY B 102 7.93 3.05 24.90
N ASN B 103 8.19 2.73 26.17
CA ASN B 103 7.26 3.09 27.22
C ASN B 103 7.91 3.01 28.61
N LEU B 104 7.71 4.05 29.41
CA LEU B 104 8.27 4.11 30.77
C LEU B 104 7.27 3.56 31.79
N THR B 105 7.63 2.44 32.43
CA THR B 105 6.74 1.82 33.40
C THR B 105 6.61 2.57 34.73
N ASN B 106 7.42 3.60 34.95
CA ASN B 106 7.29 4.36 36.19
C ASN B 106 7.02 5.84 35.89
N ALA B 107 6.35 6.07 34.76
CA ALA B 107 6.02 7.44 34.30
C ALA B 107 5.29 8.31 35.34
N HIS B 108 4.36 7.70 36.02
CA HIS B 108 3.57 8.41 37.03
C HIS B 108 4.44 9.01 38.13
N GLU B 109 5.24 8.15 38.74
CA GLU B 109 6.14 8.53 39.80
C GLU B 109 7.10 9.59 39.31
N LEU B 110 7.64 9.40 38.08
CA LEU B 110 8.59 10.39 37.48
C LEU B 110 7.97 11.77 37.32
N ARG B 111 6.69 11.78 36.92
CA ARG B 111 5.95 13.02 36.75
C ARG B 111 5.78 13.76 38.09
N LYS B 112 5.50 13.00 39.15
CA LYS B 112 5.32 13.56 40.49
C LYS B 112 6.64 14.15 40.95
N LYS B 113 7.73 13.40 40.81
CA LYS B 113 9.06 13.88 41.20
C LYS B 113 9.44 15.14 40.42
N LEU B 114 9.17 15.14 39.13
CA LEU B 114 9.49 16.29 38.29
C LEU B 114 8.79 17.55 38.78
N PHE B 115 7.55 17.40 39.22
CA PHE B 115 6.74 18.52 39.69
C PHE B 115 7.26 19.01 41.04
N GLU B 116 7.32 18.09 42.00
CA GLU B 116 7.78 18.40 43.36
C GLU B 116 9.21 18.92 43.45
N GLU B 117 10.16 18.24 42.85
CA GLU B 117 11.56 18.64 42.93
C GLU B 117 12.04 19.71 41.96
N LYS B 118 11.53 19.66 40.71
CA LYS B 118 11.99 20.58 39.68
C LYS B 118 10.98 21.58 39.15
N ARG B 119 9.73 21.46 39.58
CA ARG B 119 8.68 22.39 39.14
C ARG B 119 8.52 22.37 37.61
N ARG B 120 8.80 21.20 37.03
CA ARG B 120 8.69 20.99 35.60
C ARG B 120 7.33 20.45 35.29
N HIS B 121 6.61 21.21 34.48
CA HIS B 121 5.24 20.88 34.11
C HIS B 121 5.21 19.95 32.90
N ILE B 122 4.36 18.93 32.97
CA ILE B 122 4.21 18.00 31.88
C ILE B 122 2.85 18.34 31.29
N ASN B 123 2.82 18.79 30.04
CA ASN B 123 1.56 19.16 29.44
C ASN B 123 0.69 18.09 28.83
N THR B 124 1.27 16.96 28.44
CA THR B 124 0.52 15.86 27.82
C THR B 124 0.54 14.65 28.72
N THR B 125 -0.06 13.55 28.27
CA THR B 125 -0.05 12.32 29.06
C THR B 125 1.00 11.31 28.53
N SER B 126 1.86 11.80 27.64
CA SER B 126 2.92 11.00 27.01
C SER B 126 4.21 10.86 27.87
N ASP B 127 4.57 9.61 28.18
CA ASP B 127 5.75 9.34 28.97
C ASP B 127 7.02 9.80 28.23
N SER B 128 6.88 10.08 26.94
CA SER B 128 7.99 10.53 26.15
C SER B 128 8.34 11.97 26.55
N GLU B 129 7.33 12.74 26.97
CA GLU B 129 7.57 14.14 27.41
C GLU B 129 8.23 14.09 28.79
N ILE B 130 7.88 13.09 29.59
CA ILE B 130 8.44 12.92 30.91
C ILE B 130 9.90 12.53 30.78
N LEU B 131 10.16 11.59 29.87
CA LEU B 131 11.52 11.12 29.64
C LEU B 131 12.38 12.35 29.29
N LEU B 132 11.86 13.21 28.43
CA LEU B 132 12.60 14.39 28.03
C LEU B 132 12.88 15.29 29.22
N ASN B 133 11.92 15.40 30.12
CA ASN B 133 12.11 16.28 31.25
C ASN B 133 13.11 15.74 32.27
N ILE B 134 13.15 14.42 32.45
CA ILE B 134 14.16 13.83 33.35
C ILE B 134 15.56 14.08 32.73
N PHE B 135 15.66 13.86 31.43
CA PHE B 135 16.90 14.08 30.70
C PHE B 135 17.33 15.54 30.86
N ALA B 136 16.39 16.45 30.62
CA ALA B 136 16.64 17.89 30.73
C ALA B 136 17.07 18.30 32.14
N SER B 137 16.42 17.76 33.16
CA SER B 137 16.78 18.10 34.53
C SER B 137 18.21 17.58 34.83
N GLU B 138 18.54 16.36 34.40
CA GLU B 138 19.90 15.86 34.63
C GLU B 138 20.95 16.73 33.90
N LEU B 139 20.61 17.28 32.75
CA LEU B 139 21.54 18.14 32.03
C LEU B 139 21.67 19.52 32.68
N ASP B 140 20.80 19.85 33.61
CA ASP B 140 20.84 21.17 34.23
C ASP B 140 21.82 21.25 35.41
N ASN B 141 22.55 20.15 35.63
CA ASN B 141 23.50 20.03 36.74
C ASN B 141 24.96 20.48 36.50
N PHE B 142 25.24 21.14 35.38
CA PHE B 142 26.60 21.57 35.11
C PHE B 142 26.78 23.07 35.07
N ARG B 143 27.91 23.55 35.59
CA ARG B 143 28.15 24.98 35.60
C ARG B 143 29.37 25.45 34.81
N HIS B 144 29.49 24.98 33.58
CA HIS B 144 30.59 25.41 32.71
C HIS B 144 30.00 25.18 31.32
N TYR B 145 30.42 25.98 30.34
CA TYR B 145 29.88 25.85 29.01
C TYR B 145 31.03 25.83 28.03
N PRO B 146 30.94 24.99 26.95
CA PRO B 146 29.78 24.12 26.67
C PRO B 146 29.93 22.85 27.48
N LEU B 147 28.95 21.95 27.38
CA LEU B 147 29.03 20.69 28.11
C LEU B 147 30.03 19.80 27.41
N GLU B 148 30.66 18.93 28.16
CA GLU B 148 31.62 18.01 27.55
C GLU B 148 30.84 16.73 27.26
N ALA B 149 31.35 15.88 26.34
CA ALA B 149 30.69 14.61 26.02
C ALA B 149 30.41 13.84 27.31
N ASP B 150 31.41 13.80 28.17
CA ASP B 150 31.34 13.10 29.44
C ASP B 150 30.16 13.58 30.28
N ASN B 151 29.85 14.88 30.21
CA ASN B 151 28.76 15.47 30.98
C ASN B 151 27.48 14.93 30.39
N ILE B 152 27.34 15.02 29.07
CA ILE B 152 26.14 14.52 28.43
C ILE B 152 25.90 13.02 28.71
N PHE B 153 26.97 12.23 28.72
CA PHE B 153 26.81 10.81 29.03
C PHE B 153 26.43 10.62 30.51
N ALA B 154 27.01 11.43 31.39
CA ALA B 154 26.72 11.38 32.83
C ALA B 154 25.21 11.58 33.03
N ALA B 155 24.65 12.57 32.32
CA ALA B 155 23.22 12.89 32.37
C ALA B 155 22.35 11.71 31.86
N ILE B 156 22.78 11.05 30.79
CA ILE B 156 22.02 9.92 30.27
C ILE B 156 22.08 8.81 31.29
N ALA B 157 23.25 8.64 31.91
CA ALA B 157 23.42 7.60 32.93
C ALA B 157 22.54 7.86 34.16
N ALA B 158 22.46 9.12 34.57
CA ALA B 158 21.64 9.52 35.71
C ALA B 158 20.22 9.22 35.36
N THR B 159 19.84 9.56 34.13
CA THR B 159 18.45 9.31 33.64
C THR B 159 18.07 7.81 33.70
N ASN B 160 18.96 6.96 33.19
CA ASN B 160 18.73 5.52 33.20
C ASN B 160 18.53 4.99 34.62
N ARG B 161 19.20 5.57 35.61
CA ARG B 161 19.00 5.09 36.98
C ARG B 161 17.61 5.49 37.50
N LEU B 162 17.07 6.59 36.98
CA LEU B 162 15.74 7.07 37.37
C LEU B 162 14.58 6.41 36.63
N ILE B 163 14.67 6.28 35.31
CA ILE B 163 13.58 5.72 34.53
C ILE B 163 13.61 4.19 34.38
N ARG B 164 12.43 3.60 34.18
CA ARG B 164 12.30 2.16 34.01
C ARG B 164 11.35 1.90 32.85
N GLY B 165 11.54 0.77 32.17
CA GLY B 165 10.68 0.44 31.03
C GLY B 165 11.49 0.08 29.78
N ALA B 166 11.05 0.56 28.62
CA ALA B 166 11.75 0.27 27.37
C ALA B 166 11.80 1.54 26.53
N TYR B 167 12.92 1.77 25.87
CA TYR B 167 13.10 2.96 25.08
C TYR B 167 14.26 2.98 24.10
N ALA B 168 13.99 3.61 22.97
CA ALA B 168 14.98 3.84 21.95
C ALA B 168 14.72 5.35 21.78
N CYS B 169 15.74 6.18 22.02
CA CYS B 169 15.58 7.62 21.91
C CYS B 169 16.65 8.27 21.06
N VAL B 170 16.31 9.39 20.48
CA VAL B 170 17.23 10.19 19.70
C VAL B 170 16.86 11.60 20.15
N ALA B 171 17.86 12.45 20.40
CA ALA B 171 17.57 13.79 20.88
C ALA B 171 18.61 14.72 20.34
N MET B 172 18.38 16.01 20.53
CA MET B 172 19.31 17.02 20.07
C MET B 172 19.38 18.07 21.15
N ILE B 173 20.57 18.63 21.39
CA ILE B 173 20.81 19.65 22.40
C ILE B 173 21.42 20.81 21.65
N ILE B 174 20.76 21.96 21.66
N ILE B 174 20.78 21.98 21.72
CA ILE B 174 21.29 23.12 20.96
CA ILE B 174 21.28 23.18 21.05
C ILE B 174 22.70 23.44 21.45
C ILE B 174 22.72 23.44 21.47
N GLY B 175 23.57 23.73 20.49
CA GLY B 175 24.96 24.03 20.74
C GLY B 175 25.87 22.83 21.00
N HIS B 176 25.33 21.62 20.93
CA HIS B 176 26.18 20.44 21.20
C HIS B 176 26.09 19.35 20.12
N GLY B 177 24.92 18.72 19.99
CA GLY B 177 24.79 17.70 18.97
C GLY B 177 23.56 16.83 19.14
N MET B 178 23.65 15.62 18.59
CA MET B 178 22.58 14.68 18.63
C MET B 178 23.06 13.50 19.44
N VAL B 179 22.17 12.95 20.28
CA VAL B 179 22.46 11.81 21.14
C VAL B 179 21.40 10.79 20.84
N ALA B 180 21.71 9.53 21.10
CA ALA B 180 20.76 8.41 20.91
C ALA B 180 21.10 7.44 22.02
N PHE B 181 20.12 6.74 22.56
CA PHE B 181 20.38 5.79 23.62
C PHE B 181 19.28 4.77 23.69
N ARG B 182 19.59 3.64 24.30
CA ARG B 182 18.69 2.52 24.32
C ARG B 182 18.57 1.98 25.71
N ASP B 183 17.40 1.42 26.03
CA ASP B 183 17.20 0.89 27.37
C ASP B 183 18.22 -0.18 27.78
N PRO B 184 18.40 -0.38 29.09
CA PRO B 184 19.36 -1.38 29.56
C PRO B 184 19.11 -2.81 29.12
N ASN B 185 17.89 -3.10 28.66
CA ASN B 185 17.55 -4.46 28.21
C ASN B 185 17.46 -4.60 26.71
N GLY B 186 17.89 -3.60 25.96
CA GLY B 186 17.82 -3.70 24.50
C GLY B 186 16.49 -4.17 23.94
N ILE B 187 15.41 -3.69 24.54
CA ILE B 187 14.07 -4.10 24.12
C ILE B 187 13.59 -3.47 22.81
N ARG B 188 13.74 -2.15 22.70
CA ARG B 188 13.30 -1.42 21.53
C ARG B 188 14.45 -1.34 20.55
N PRO B 189 14.14 -1.42 19.26
CA PRO B 189 15.17 -1.38 18.24
C PRO B 189 15.83 -0.04 17.96
N LEU B 190 17.12 -0.06 17.66
CA LEU B 190 17.85 1.18 17.34
C LEU B 190 19.23 0.85 16.74
N VAL B 191 19.47 1.33 15.52
CA VAL B 191 20.72 1.09 14.81
C VAL B 191 21.42 2.36 14.39
N LEU B 192 22.73 2.23 14.18
CA LEU B 192 23.59 3.33 13.82
C LEU B 192 24.25 3.07 12.46
N GLY B 193 24.32 4.12 11.66
CA GLY B 193 24.90 4.05 10.34
C GLY B 193 25.71 5.31 10.06
N LYS B 194 26.46 5.30 8.97
CA LYS B 194 27.28 6.46 8.62
C LYS B 194 27.34 6.65 7.11
N ARG B 195 27.80 7.82 6.69
CA ARG B 195 27.95 8.09 5.27
C ARG B 195 29.16 8.99 5.15
N ASP B 196 30.22 8.48 4.51
CA ASP B 196 31.44 9.27 4.36
C ASP B 196 31.30 10.24 3.21
N ILE B 197 31.77 11.46 3.40
CA ILE B 197 31.70 12.49 2.39
C ILE B 197 33.12 12.76 1.89
N ASP B 198 34.06 12.88 2.83
CA ASP B 198 35.45 13.08 2.47
C ASP B 198 36.32 12.84 3.70
N GLU B 199 37.62 13.16 3.60
CA GLU B 199 38.56 12.97 4.72
C GLU B 199 38.06 13.70 5.97
N ASN B 200 37.75 12.92 6.99
CA ASN B 200 37.22 13.43 8.25
C ASN B 200 35.95 14.34 8.14
N ARG B 201 34.95 13.85 7.40
CA ARG B 201 33.62 14.46 7.22
C ARG B 201 32.67 13.32 6.90
N THR B 202 32.14 12.75 7.96
CA THR B 202 31.21 11.64 7.88
C THR B 202 29.90 12.10 8.50
N GLU B 203 28.81 11.60 7.96
CA GLU B 203 27.51 11.91 8.46
C GLU B 203 27.09 10.69 9.22
N TYR B 204 26.38 10.89 10.32
CA TYR B 204 25.94 9.78 11.12
C TYR B 204 24.42 9.82 11.17
N MET B 205 23.84 8.67 11.47
CA MET B 205 22.40 8.51 11.54
C MET B 205 22.02 7.37 12.45
N VAL B 206 20.87 7.50 13.13
CA VAL B 206 20.34 6.43 13.97
C VAL B 206 18.87 6.26 13.52
N ALA B 207 18.31 5.06 13.59
CA ALA B 207 16.91 4.91 13.21
C ALA B 207 16.41 3.67 13.92
N SER B 208 15.09 3.49 13.99
CA SER B 208 14.52 2.32 14.62
C SER B 208 14.90 1.04 13.90
N GLU B 209 14.99 1.13 12.57
CA GLU B 209 15.30 -0.02 11.72
C GLU B 209 16.34 0.29 10.65
N SER B 210 17.09 -0.75 10.22
CA SER B 210 18.15 -0.58 9.20
C SER B 210 17.66 -0.20 7.82
N VAL B 211 16.39 -0.49 7.49
N VAL B 211 16.39 -0.48 7.51
CA VAL B 211 15.86 -0.11 6.16
CA VAL B 211 15.82 -0.12 6.21
C VAL B 211 15.95 1.41 5.97
C VAL B 211 15.92 1.39 5.99
N ALA B 212 15.94 2.16 7.06
CA ALA B 212 16.06 3.62 7.00
C ALA B 212 17.50 4.06 6.61
N LEU B 213 18.49 3.26 7.01
CA LEU B 213 19.89 3.54 6.69
C LEU B 213 20.08 3.18 5.22
N ASP B 214 19.51 2.03 4.84
CA ASP B 214 19.56 1.48 3.48
C ASP B 214 19.03 2.46 2.45
N THR B 215 17.82 2.95 2.70
CA THR B 215 17.20 3.84 1.78
C THR B 215 17.95 5.13 1.55
N LEU B 216 18.68 5.60 2.56
CA LEU B 216 19.43 6.83 2.40
C LEU B 216 20.87 6.61 1.95
N GLY B 217 21.22 5.36 1.64
CA GLY B 217 22.58 5.05 1.21
C GLY B 217 23.61 5.15 2.33
N PHE B 218 23.20 4.93 3.58
CA PHE B 218 24.14 5.00 4.69
C PHE B 218 24.70 3.60 4.96
N ASP B 219 26.00 3.52 5.27
CA ASP B 219 26.63 2.24 5.63
C ASP B 219 26.21 1.81 7.04
N PHE B 220 25.59 0.66 7.17
CA PHE B 220 25.16 0.16 8.45
C PHE B 220 26.41 -0.15 9.27
N LEU B 221 26.46 0.37 10.50
CA LEU B 221 27.58 0.10 11.36
C LEU B 221 27.24 -1.03 12.34
N ARG B 222 26.21 -0.82 13.16
CA ARG B 222 25.78 -1.81 14.14
C ARG B 222 24.57 -1.34 14.94
N ASP B 223 24.00 -2.23 15.74
CA ASP B 223 22.88 -1.88 16.62
C ASP B 223 23.52 -1.08 17.75
N VAL B 224 22.75 -0.16 18.34
CA VAL B 224 23.23 0.58 19.48
C VAL B 224 23.10 -0.50 20.55
N ALA B 225 24.12 -0.68 21.36
CA ALA B 225 24.10 -1.73 22.38
C ALA B 225 23.12 -1.36 23.50
N PRO B 226 22.61 -2.35 24.28
CA PRO B 226 21.67 -2.02 25.36
C PRO B 226 22.34 -1.08 26.35
N GLY B 227 21.61 -0.05 26.75
CA GLY B 227 22.12 0.89 27.73
C GLY B 227 23.17 1.80 27.18
N GLU B 228 23.56 1.61 25.94
CA GLU B 228 24.56 2.48 25.37
C GLU B 228 23.95 3.78 24.88
N ALA B 229 24.78 4.81 24.80
CA ALA B 229 24.40 6.12 24.28
C ALA B 229 25.40 6.50 23.17
N ILE B 230 24.94 7.22 22.14
CA ILE B 230 25.84 7.64 21.08
C ILE B 230 25.73 9.15 21.14
N TYR B 231 26.79 9.88 20.81
CA TYR B 231 26.74 11.33 20.82
C TYR B 231 27.56 11.80 19.63
N ILE B 232 26.92 12.58 18.77
CA ILE B 232 27.53 13.14 17.55
C ILE B 232 27.44 14.65 17.68
N THR B 233 28.61 15.30 17.73
CA THR B 233 28.68 16.74 17.86
C THR B 233 28.34 17.45 16.54
N GLU B 234 28.04 18.73 16.62
CA GLU B 234 27.73 19.52 15.43
C GLU B 234 28.91 19.55 14.47
N GLU B 235 30.11 19.39 15.02
CA GLU B 235 31.33 19.41 14.21
C GLU B 235 31.61 18.03 13.60
N GLY B 236 30.73 17.06 13.82
CA GLY B 236 30.88 15.76 13.18
C GLY B 236 31.70 14.68 13.84
N GLN B 237 31.94 14.83 15.13
CA GLN B 237 32.72 13.85 15.91
C GLN B 237 31.85 12.82 16.61
N LEU B 238 32.31 11.56 16.62
CA LEU B 238 31.58 10.48 17.23
C LEU B 238 32.12 10.04 18.60
N PHE B 239 31.20 9.85 19.54
CA PHE B 239 31.55 9.40 20.89
C PHE B 239 30.45 8.45 21.26
N THR B 240 30.75 7.48 22.13
CA THR B 240 29.74 6.53 22.58
C THR B 240 30.11 6.18 24.02
N ARG B 241 29.19 5.56 24.75
N ARG B 241 29.18 5.56 24.74
CA ARG B 241 29.46 5.18 26.12
CA ARG B 241 29.46 5.17 26.11
C ARG B 241 28.36 4.32 26.66
C ARG B 241 28.36 4.30 26.64
N GLN B 242 28.72 3.32 27.44
CA GLN B 242 27.75 2.43 28.06
C GLN B 242 27.22 3.29 29.22
N CYS B 243 25.91 3.57 29.23
CA CYS B 243 25.31 4.38 30.26
C CYS B 243 24.35 3.62 31.18
N ALA B 244 24.52 2.31 31.27
CA ALA B 244 23.65 1.49 32.13
C ALA B 244 24.48 0.58 33.00
N ASP B 245 23.97 0.25 34.19
CA ASP B 245 24.67 -0.60 35.16
C ASP B 245 24.82 -2.03 34.77
N ASN B 246 23.74 -2.70 34.38
CA ASN B 246 23.86 -4.10 33.98
C ASN B 246 23.09 -4.35 32.70
N PRO B 247 23.61 -3.86 31.55
CA PRO B 247 22.94 -4.04 30.26
C PRO B 247 22.85 -5.49 29.84
N VAL B 248 21.69 -5.86 29.30
CA VAL B 248 21.41 -7.20 28.80
C VAL B 248 20.68 -7.05 27.46
N SER B 249 20.77 -8.05 26.62
CA SER B 249 20.11 -7.99 25.32
C SER B 249 18.83 -8.81 25.34
N ASN B 250 17.69 -8.16 25.49
CA ASN B 250 16.38 -8.84 25.52
C ASN B 250 15.50 -8.16 24.49
N PRO B 251 15.82 -8.32 23.19
CA PRO B 251 15.06 -7.71 22.08
C PRO B 251 13.61 -8.12 22.09
N CYS B 252 12.71 -7.18 21.80
CA CYS B 252 11.28 -7.47 21.71
C CYS B 252 11.12 -8.51 20.61
N LEU B 253 10.53 -9.64 20.95
CA LEU B 253 10.30 -10.73 20.02
C LEU B 253 9.17 -10.37 19.02
N PHE B 254 8.33 -9.41 19.39
CA PHE B 254 7.22 -8.98 18.54
C PHE B 254 7.63 -8.30 17.24
N GLU B 255 8.69 -7.50 17.31
CA GLU B 255 9.20 -6.83 16.13
C GLU B 255 9.43 -7.86 15.00
N TYR B 256 9.98 -9.01 15.38
CA TYR B 256 10.27 -10.09 14.47
C TYR B 256 9.02 -10.73 13.89
N VAL B 257 8.02 -10.98 14.72
CA VAL B 257 6.78 -11.60 14.22
C VAL B 257 6.05 -10.82 13.11
N TYR B 258 5.91 -9.50 13.25
CA TYR B 258 5.22 -8.74 12.21
C TYR B 258 5.41 -7.22 12.24
N PHE B 259 5.84 -6.65 13.36
CA PHE B 259 5.96 -5.20 13.45
C PHE B 259 7.04 -4.53 12.60
N ALA B 260 8.21 -5.13 12.54
CA ALA B 260 9.29 -4.56 11.73
C ALA B 260 9.21 -4.99 10.25
N ARG B 261 9.99 -4.33 9.40
CA ARG B 261 10.04 -4.66 7.99
C ARG B 261 10.94 -5.90 7.80
N PRO B 262 10.54 -6.83 6.90
CA PRO B 262 11.35 -8.04 6.70
C PRO B 262 12.81 -7.81 6.25
N ASP B 263 13.05 -6.67 5.58
CA ASP B 263 14.39 -6.35 5.10
C ASP B 263 15.27 -5.66 6.14
N SER B 264 14.87 -5.74 7.40
CA SER B 264 15.64 -5.12 8.48
C SER B 264 16.45 -6.16 9.24
N PHE B 265 17.55 -5.71 9.82
CA PHE B 265 18.42 -6.56 10.61
C PHE B 265 18.40 -5.95 11.98
N ILE B 266 17.74 -6.65 12.90
CA ILE B 266 17.60 -6.15 14.24
C ILE B 266 18.44 -7.05 15.14
N ASP B 267 19.49 -6.48 15.72
CA ASP B 267 20.39 -7.24 16.57
C ASP B 267 20.97 -8.44 15.81
N LYS B 268 21.47 -8.16 14.62
CA LYS B 268 22.09 -9.17 13.74
C LYS B 268 21.14 -10.24 13.24
N ILE B 269 19.85 -10.07 13.46
CA ILE B 269 18.89 -11.05 13.00
C ILE B 269 18.08 -10.50 11.83
N SER B 270 18.08 -11.20 10.70
CA SER B 270 17.29 -10.75 9.57
C SER B 270 15.84 -11.07 9.91
N VAL B 271 14.96 -10.07 9.83
CA VAL B 271 13.55 -10.25 10.14
C VAL B 271 12.94 -11.26 9.19
N TYR B 272 13.31 -11.15 7.91
CA TYR B 272 12.83 -12.05 6.86
C TYR B 272 13.19 -13.50 7.15
N SER B 273 14.45 -13.76 7.45
CA SER B 273 14.87 -15.14 7.72
C SER B 273 14.17 -15.70 8.93
N ALA B 274 14.06 -14.87 9.98
CA ALA B 274 13.40 -15.30 11.21
C ALA B 274 11.99 -15.71 10.89
N ARG B 275 11.31 -14.96 10.03
CA ARG B 275 9.92 -15.31 9.69
C ARG B 275 9.86 -16.58 8.87
N VAL B 276 10.87 -16.80 8.01
CA VAL B 276 10.92 -18.02 7.21
C VAL B 276 11.12 -19.14 8.20
N ASN B 277 11.98 -18.92 9.21
CA ASN B 277 12.24 -19.95 10.23
C ASN B 277 10.99 -20.21 11.04
N MET B 278 10.16 -19.18 11.21
CA MET B 278 8.89 -19.31 11.93
C MET B 278 7.96 -20.27 11.17
N GLY B 279 8.03 -20.20 9.84
CA GLY B 279 7.24 -21.11 8.99
C GLY B 279 7.79 -22.53 9.11
N THR B 280 9.10 -22.70 9.08
CA THR B 280 9.70 -24.02 9.21
C THR B 280 9.26 -24.68 10.53
N LYS B 281 9.32 -23.93 11.62
CA LYS B 281 8.91 -24.45 12.92
C LYS B 281 7.41 -24.80 12.97
N LEU B 282 6.57 -23.87 12.54
CA LEU B 282 5.14 -24.11 12.59
C LEU B 282 4.71 -25.21 11.63
N GLY B 283 5.39 -25.34 10.50
CA GLY B 283 5.07 -26.40 9.54
C GLY B 283 5.41 -27.78 10.11
N GLU B 284 6.56 -27.90 10.76
CA GLU B 284 6.98 -29.16 11.38
C GLU B 284 6.05 -29.48 12.53
N LYS B 285 5.58 -28.46 13.24
CA LYS B 285 4.67 -28.73 14.34
C LYS B 285 3.37 -29.26 13.76
N ILE B 286 2.88 -28.62 12.69
CA ILE B 286 1.63 -29.04 12.06
C ILE B 286 1.80 -30.47 11.51
N ALA B 287 2.92 -30.74 10.81
CA ALA B 287 3.17 -32.06 10.27
C ALA B 287 3.07 -33.11 11.39
N ARG B 288 3.70 -32.81 12.51
CA ARG B 288 3.68 -33.71 13.65
C ARG B 288 2.27 -33.89 14.28
N GLU B 289 1.62 -32.77 14.61
CA GLU B 289 0.30 -32.76 15.29
C GLU B 289 -1.01 -32.87 14.51
N TRP B 290 -1.00 -32.44 13.26
CA TRP B 290 -2.18 -32.50 12.37
C TRP B 290 -1.99 -33.50 11.21
N GLU B 291 -1.19 -34.53 11.47
CA GLU B 291 -0.89 -35.57 10.51
C GLU B 291 -2.09 -36.26 9.86
N ASP B 292 -3.15 -36.48 10.65
CA ASP B 292 -4.38 -37.13 10.18
C ASP B 292 -5.31 -36.22 9.37
N LEU B 293 -4.95 -34.95 9.21
CA LEU B 293 -5.79 -33.99 8.48
C LEU B 293 -5.50 -33.83 7.00
N ASP B 294 -6.57 -33.71 6.25
CA ASP B 294 -6.47 -33.49 4.82
C ASP B 294 -6.68 -32.01 4.59
N ILE B 295 -5.61 -31.39 4.12
CA ILE B 295 -5.56 -29.97 3.84
C ILE B 295 -5.18 -29.93 2.39
N ASP B 296 -5.95 -29.20 1.59
CA ASP B 296 -5.69 -29.12 0.18
C ASP B 296 -4.77 -27.99 -0.22
N VAL B 297 -4.75 -26.93 0.57
CA VAL B 297 -3.96 -25.76 0.21
C VAL B 297 -3.58 -24.91 1.42
N VAL B 298 -2.49 -24.16 1.29
CA VAL B 298 -2.04 -23.27 2.34
C VAL B 298 -2.19 -21.84 1.80
N ILE B 299 -3.02 -21.07 2.49
CA ILE B 299 -3.37 -19.69 2.11
C ILE B 299 -3.01 -18.66 3.19
N PRO B 300 -2.09 -17.73 2.89
CA PRO B 300 -1.71 -16.73 3.89
C PRO B 300 -2.77 -15.64 4.02
N ILE B 301 -2.83 -15.00 5.17
CA ILE B 301 -3.75 -13.88 5.36
C ILE B 301 -2.70 -12.80 5.27
N PRO B 302 -2.67 -12.05 4.14
CA PRO B 302 -1.70 -10.97 3.86
C PRO B 302 -1.63 -9.93 4.97
N GLU B 303 -0.49 -9.25 5.12
CA GLU B 303 0.69 -9.41 4.27
C GLU B 303 1.90 -10.10 4.91
N THR B 304 2.04 -9.98 6.22
CA THR B 304 3.16 -10.56 6.91
C THR B 304 3.36 -12.07 6.77
N SER B 305 2.27 -12.83 6.72
CA SER B 305 2.34 -14.29 6.62
C SER B 305 2.57 -14.94 5.26
N CYS B 306 2.75 -14.17 4.20
CA CYS B 306 2.94 -14.75 2.88
C CYS B 306 4.14 -15.71 2.83
N ASP B 307 5.30 -15.25 3.27
CA ASP B 307 6.51 -16.07 3.26
C ASP B 307 6.47 -17.14 4.33
N ILE B 308 5.80 -16.87 5.44
CA ILE B 308 5.68 -17.85 6.51
C ILE B 308 4.85 -19.04 6.02
N ALA B 309 3.74 -18.74 5.34
CA ALA B 309 2.81 -19.74 4.78
C ALA B 309 3.48 -20.47 3.64
N LEU B 310 4.31 -19.77 2.87
CA LEU B 310 5.01 -20.41 1.75
C LEU B 310 5.88 -21.54 2.31
N GLU B 311 6.63 -21.20 3.35
CA GLU B 311 7.53 -22.11 4.05
C GLU B 311 6.75 -23.26 4.66
N ILE B 312 5.60 -22.96 5.26
CA ILE B 312 4.73 -23.98 5.85
C ILE B 312 4.21 -24.94 4.76
N ALA B 313 3.84 -24.37 3.62
CA ALA B 313 3.35 -25.13 2.49
C ALA B 313 4.52 -26.00 1.99
N ARG B 314 5.74 -25.46 2.05
CA ARG B 314 6.89 -26.25 1.61
C ARG B 314 7.13 -27.45 2.51
N ILE B 315 7.06 -27.25 3.83
CA ILE B 315 7.28 -28.35 4.75
C ILE B 315 6.17 -29.38 4.64
N LEU B 316 4.93 -28.93 4.46
CA LEU B 316 3.79 -29.85 4.38
C LEU B 316 3.63 -30.51 3.02
N GLY B 317 4.42 -30.04 2.05
CA GLY B 317 4.34 -30.55 0.69
C GLY B 317 2.96 -30.32 0.13
N LYS B 318 2.41 -29.14 0.39
CA LYS B 318 1.08 -28.78 -0.07
C LYS B 318 1.17 -27.48 -0.86
N PRO B 319 0.26 -27.29 -1.81
CA PRO B 319 0.34 -26.05 -2.57
C PRO B 319 0.04 -24.77 -1.78
N TYR B 320 0.70 -23.69 -2.19
CA TYR B 320 0.55 -22.38 -1.62
C TYR B 320 -0.26 -21.63 -2.68
N ARG B 321 -1.29 -20.89 -2.28
CA ARG B 321 -2.14 -20.15 -3.21
C ARG B 321 -2.57 -18.84 -2.56
N GLN B 322 -2.65 -17.77 -3.36
CA GLN B 322 -3.07 -16.45 -2.87
C GLN B 322 -4.58 -16.48 -2.85
N GLY B 323 -5.16 -16.82 -1.69
CA GLY B 323 -6.61 -16.87 -1.57
C GLY B 323 -7.21 -15.52 -1.17
N PHE B 324 -6.47 -14.73 -0.41
CA PHE B 324 -6.93 -13.44 0.04
C PHE B 324 -6.01 -12.40 -0.51
N VAL B 325 -6.60 -11.28 -0.92
CA VAL B 325 -5.82 -10.15 -1.41
C VAL B 325 -6.19 -9.03 -0.44
N LYS B 326 -5.19 -8.32 0.04
CA LYS B 326 -5.43 -7.23 0.97
C LYS B 326 -5.67 -6.01 0.13
N ASN B 327 -6.74 -5.28 0.42
CA ASN B 327 -7.05 -4.07 -0.31
C ASN B 327 -6.00 -3.03 0.06
N ARG B 328 -5.14 -2.71 -0.89
CA ARG B 328 -4.10 -1.73 -0.65
C ARG B 328 -4.70 -0.38 -0.23
N TYR B 329 -5.89 -0.09 -0.73
CA TYR B 329 -6.48 1.19 -0.40
C TYR B 329 -7.75 0.99 0.35
N VAL B 330 -7.81 1.58 1.54
N VAL B 330 -7.81 1.58 1.53
CA VAL B 330 -8.99 1.50 2.37
CA VAL B 330 -8.99 1.50 2.38
C VAL B 330 -9.46 2.95 2.52
C VAL B 330 -9.46 2.96 2.51
N GLY B 331 -10.76 3.16 2.47
CA GLY B 331 -11.30 4.51 2.61
C GLY B 331 -11.93 4.71 3.98
N ARG B 332 -12.61 5.83 4.14
CA ARG B 332 -13.30 6.16 5.38
C ARG B 332 -14.75 5.70 5.26
N THR B 333 -15.35 5.35 6.39
CA THR B 333 -16.75 4.98 6.40
C THR B 333 -17.42 6.22 6.98
N PHE B 334 -18.11 6.98 6.14
CA PHE B 334 -18.79 8.17 6.64
C PHE B 334 -20.10 7.82 7.35
N ILE B 335 -20.32 8.43 8.52
CA ILE B 335 -21.54 8.21 9.30
C ILE B 335 -22.70 9.02 8.71
N MET B 336 -23.40 8.40 7.77
CA MET B 336 -24.51 9.04 7.07
C MET B 336 -25.84 8.65 7.69
N PRO B 337 -26.81 9.56 7.70
CA PRO B 337 -28.14 9.27 8.26
C PRO B 337 -28.77 8.02 7.63
N GLY B 338 -28.89 6.96 8.42
CA GLY B 338 -29.48 5.72 7.93
C GLY B 338 -28.67 4.98 6.86
N GLN B 339 -27.44 4.60 7.19
CA GLN B 339 -26.52 3.88 6.30
C GLN B 339 -27.05 2.49 5.95
N GLN B 340 -28.03 2.46 5.05
CA GLN B 340 -28.71 1.25 4.61
C GLN B 340 -28.02 -0.12 4.67
N LEU B 341 -27.22 -0.45 3.67
CA LEU B 341 -26.55 -1.75 3.67
C LEU B 341 -25.04 -1.60 3.78
N ARG B 342 -24.57 -1.44 5.01
CA ARG B 342 -23.15 -1.26 5.31
C ARG B 342 -22.23 -2.38 4.76
N ARG B 343 -21.08 -1.96 4.22
CA ARG B 343 -20.09 -2.89 3.68
C ARG B 343 -19.37 -3.51 4.87
N LYS B 344 -19.24 -4.83 4.84
CA LYS B 344 -18.58 -5.57 5.93
C LYS B 344 -17.15 -5.15 6.25
N SER B 345 -16.96 -4.95 7.54
CA SER B 345 -15.70 -4.57 8.11
C SER B 345 -14.50 -5.37 7.51
N VAL B 346 -14.61 -6.69 7.51
CA VAL B 346 -13.55 -7.53 6.97
C VAL B 346 -13.34 -7.28 5.48
N ARG B 347 -14.41 -7.00 4.72
CA ARG B 347 -14.30 -6.75 3.27
C ARG B 347 -13.59 -5.46 2.96
N ARG B 348 -13.56 -4.58 3.93
N ARG B 348 -13.56 -4.58 3.93
CA ARG B 348 -12.86 -3.32 3.73
CA ARG B 348 -12.86 -3.32 3.76
C ARG B 348 -11.34 -3.63 3.66
C ARG B 348 -11.35 -3.62 3.67
N LYS B 349 -10.91 -4.58 4.48
CA LYS B 349 -9.53 -4.98 4.57
C LYS B 349 -9.07 -5.97 3.50
N LEU B 350 -9.87 -7.00 3.27
CA LEU B 350 -9.53 -8.05 2.35
C LEU B 350 -10.59 -8.38 1.31
N ASN B 351 -10.16 -9.21 0.37
CA ASN B 351 -11.01 -9.74 -0.67
C ASN B 351 -10.59 -11.17 -0.97
N ALA B 352 -11.58 -12.03 -1.09
CA ALA B 352 -11.36 -13.43 -1.35
C ALA B 352 -11.49 -13.77 -2.81
N ASN B 353 -10.53 -14.54 -3.31
CA ASN B 353 -10.58 -15.03 -4.69
C ASN B 353 -11.44 -16.30 -4.58
N ARG B 354 -12.71 -16.23 -4.96
CA ARG B 354 -13.64 -17.37 -4.86
C ARG B 354 -13.09 -18.74 -5.31
N ALA B 355 -12.36 -18.74 -6.43
CA ALA B 355 -11.80 -19.94 -7.03
C ALA B 355 -10.85 -20.72 -6.13
N GLU B 356 -10.15 -20.01 -5.25
CA GLU B 356 -9.18 -20.65 -4.38
C GLU B 356 -9.71 -21.36 -3.12
N PHE B 357 -11.00 -21.21 -2.83
CA PHE B 357 -11.57 -21.84 -1.65
C PHE B 357 -12.59 -22.91 -1.98
N ARG B 358 -13.25 -22.78 -3.13
CA ARG B 358 -14.32 -23.70 -3.53
C ARG B 358 -14.04 -25.19 -3.40
N ASP B 359 -14.78 -25.83 -2.50
CA ASP B 359 -14.68 -27.24 -2.19
C ASP B 359 -13.31 -27.67 -1.72
N LYS B 360 -12.67 -26.80 -0.94
CA LYS B 360 -11.34 -27.12 -0.42
C LYS B 360 -11.24 -26.99 1.09
N ASN B 361 -10.44 -27.90 1.66
CA ASN B 361 -10.10 -27.87 3.08
C ASN B 361 -8.87 -26.97 3.01
N VAL B 362 -8.98 -25.78 3.56
CA VAL B 362 -7.92 -24.79 3.49
C VAL B 362 -7.24 -24.63 4.85
N LEU B 363 -5.94 -24.30 4.80
CA LEU B 363 -5.16 -24.02 6.01
C LEU B 363 -4.78 -22.56 5.86
N LEU B 364 -5.29 -21.70 6.73
CA LEU B 364 -4.99 -20.29 6.66
C LEU B 364 -3.86 -20.03 7.63
N VAL B 365 -3.01 -19.05 7.30
CA VAL B 365 -1.91 -18.68 8.16
C VAL B 365 -1.91 -17.18 8.39
N ASP B 366 -2.02 -16.81 9.68
CA ASP B 366 -1.97 -15.39 10.12
C ASP B 366 -0.78 -15.23 11.09
N ASP B 367 -0.30 -13.99 11.21
CA ASP B 367 0.85 -13.71 12.06
C ASP B 367 0.57 -13.88 13.55
N SER B 368 -0.67 -13.61 13.96
CA SER B 368 -1.05 -13.69 15.37
C SER B 368 -2.55 -13.54 15.52
N ILE B 369 -3.03 -13.74 16.73
CA ILE B 369 -4.44 -13.61 17.09
C ILE B 369 -4.41 -12.77 18.37
N VAL B 370 -5.11 -11.64 18.34
CA VAL B 370 -5.19 -10.73 19.47
C VAL B 370 -6.58 -10.80 20.15
N ARG B 371 -7.54 -10.10 19.56
CA ARG B 371 -8.93 -10.06 20.03
C ARG B 371 -9.64 -11.27 19.51
N GLY B 372 -9.26 -11.68 18.30
CA GLY B 372 -9.87 -12.84 17.66
C GLY B 372 -11.04 -12.49 16.80
N THR B 373 -11.44 -11.23 16.82
CA THR B 373 -12.57 -10.76 16.04
C THR B 373 -12.38 -10.88 14.52
N THR B 374 -11.33 -10.27 13.99
CA THR B 374 -11.05 -10.36 12.55
C THR B 374 -10.79 -11.80 12.06
N SER B 375 -10.28 -12.66 12.94
CA SER B 375 -10.00 -14.06 12.63
C SER B 375 -11.30 -14.77 12.38
N GLU B 376 -12.29 -14.51 13.23
CA GLU B 376 -13.56 -15.16 13.05
C GLU B 376 -14.17 -14.70 11.75
N GLN B 377 -13.98 -13.44 11.43
CA GLN B 377 -14.51 -12.87 10.20
C GLN B 377 -13.82 -13.45 8.95
N ILE B 378 -12.50 -13.63 9.00
CA ILE B 378 -11.77 -14.21 7.87
C ILE B 378 -12.19 -15.68 7.62
N ILE B 379 -12.38 -16.41 8.72
CA ILE B 379 -12.82 -17.80 8.64
C ILE B 379 -14.17 -17.87 7.94
N GLU B 380 -15.06 -16.98 8.31
CA GLU B 380 -16.38 -16.87 7.75
C GLU B 380 -16.30 -16.55 6.25
N MET B 381 -15.39 -15.66 5.89
CA MET B 381 -15.18 -15.24 4.52
C MET B 381 -14.80 -16.45 3.65
N ALA B 382 -13.95 -17.33 4.18
CA ALA B 382 -13.49 -18.54 3.50
C ALA B 382 -14.63 -19.53 3.30
N ARG B 383 -15.44 -19.77 4.33
CA ARG B 383 -16.56 -20.69 4.15
C ARG B 383 -17.55 -20.14 3.10
N GLU B 384 -17.71 -18.83 3.11
CA GLU B 384 -18.60 -18.13 2.21
C GLU B 384 -18.08 -18.26 0.78
N ALA B 385 -16.75 -18.24 0.62
CA ALA B 385 -16.12 -18.40 -0.68
C ALA B 385 -16.07 -19.89 -1.09
N GLY B 386 -16.79 -20.74 -0.34
CA GLY B 386 -16.84 -22.15 -0.69
C GLY B 386 -15.97 -23.18 0.01
N ALA B 387 -15.23 -22.82 1.05
CA ALA B 387 -14.36 -23.79 1.71
C ALA B 387 -15.14 -24.83 2.50
N LYS B 388 -14.57 -26.03 2.65
CA LYS B 388 -15.22 -27.08 3.43
C LYS B 388 -14.66 -27.03 4.85
N LYS B 389 -13.39 -27.35 5.02
CA LYS B 389 -12.79 -27.26 6.35
C LYS B 389 -11.88 -26.02 6.30
N VAL B 390 -11.84 -25.27 7.41
CA VAL B 390 -11.05 -24.07 7.50
C VAL B 390 -10.22 -24.16 8.79
N TYR B 391 -8.92 -24.37 8.63
CA TYR B 391 -8.01 -24.48 9.77
C TYR B 391 -7.25 -23.19 9.88
N LEU B 392 -6.86 -22.82 11.08
CA LEU B 392 -6.09 -21.60 11.27
C LEU B 392 -4.79 -21.86 12.04
N ALA B 393 -3.70 -21.36 11.50
CA ALA B 393 -2.40 -21.49 12.13
C ALA B 393 -1.90 -20.06 12.36
N SER B 394 -1.35 -19.83 13.56
N SER B 394 -1.35 -19.80 13.55
CA SER B 394 -0.81 -18.53 13.97
CA SER B 394 -0.82 -18.49 13.86
C SER B 394 0.71 -18.60 14.16
C SER B 394 0.68 -18.59 14.13
N ALA B 395 1.44 -17.77 13.39
CA ALA B 395 2.89 -17.74 13.48
C ALA B 395 3.38 -17.36 14.88
N ALA B 396 2.53 -16.67 15.65
CA ALA B 396 2.91 -16.29 17.00
C ALA B 396 2.21 -17.18 18.01
N PRO B 397 2.89 -17.45 19.13
CA PRO B 397 2.25 -18.29 20.14
C PRO B 397 0.99 -17.50 20.66
N GLU B 398 0.28 -18.05 21.62
CA GLU B 398 -0.89 -17.37 22.17
C GLU B 398 -0.51 -16.02 22.80
N ILE B 399 -1.28 -14.99 22.47
CA ILE B 399 -1.03 -13.66 23.02
C ILE B 399 -1.95 -13.49 24.21
N ARG B 400 -1.38 -13.59 25.41
CA ARG B 400 -2.18 -13.54 26.63
C ARG B 400 -1.97 -12.39 27.58
N PHE B 401 -0.94 -11.58 27.36
CA PHE B 401 -0.67 -10.49 28.27
C PHE B 401 -0.48 -9.18 27.57
N PRO B 402 -0.75 -8.07 28.28
CA PRO B 402 -0.59 -6.74 27.68
C PRO B 402 0.90 -6.40 27.58
N ASN B 403 1.25 -5.58 26.59
CA ASN B 403 2.62 -5.14 26.41
C ASN B 403 2.73 -3.72 26.98
N VAL B 404 3.70 -3.51 27.85
CA VAL B 404 3.89 -2.21 28.46
C VAL B 404 5.25 -1.62 28.08
N TYR B 405 5.79 -2.09 26.95
CA TYR B 405 7.10 -1.64 26.48
C TYR B 405 7.10 -0.86 25.17
N GLY B 406 5.92 -0.50 24.69
CA GLY B 406 5.89 0.29 23.50
C GLY B 406 5.06 -0.28 22.39
N ILE B 407 4.62 -1.52 22.52
CA ILE B 407 3.77 -2.12 21.50
C ILE B 407 2.32 -2.00 21.99
N ASP B 408 1.44 -1.49 21.14
CA ASP B 408 0.05 -1.33 21.54
C ASP B 408 -0.69 -2.63 21.44
N MET B 409 -1.17 -3.11 22.57
CA MET B 409 -1.94 -4.36 22.70
C MET B 409 -3.06 -4.06 23.70
N PRO B 410 -4.25 -4.67 23.53
CA PRO B 410 -5.35 -4.43 24.48
C PRO B 410 -5.04 -5.05 25.86
N SER B 411 -5.94 -4.85 26.82
CA SER B 411 -5.71 -5.40 28.17
C SER B 411 -5.89 -6.91 28.19
N ALA B 412 -5.42 -7.54 29.26
CA ALA B 412 -5.49 -8.99 29.41
C ALA B 412 -6.88 -9.61 29.17
N THR B 413 -7.93 -9.00 29.71
CA THR B 413 -9.29 -9.54 29.54
C THR B 413 -9.82 -9.37 28.12
N GLU B 414 -9.16 -8.56 27.31
CA GLU B 414 -9.58 -8.35 25.93
C GLU B 414 -8.95 -9.34 24.97
N LEU B 415 -7.86 -9.99 25.41
CA LEU B 415 -7.13 -10.96 24.59
C LEU B 415 -7.88 -12.29 24.62
N ILE B 416 -8.31 -12.73 23.46
CA ILE B 416 -9.06 -13.97 23.38
C ILE B 416 -8.37 -15.20 24.01
N ALA B 417 -7.03 -15.26 23.90
CA ALA B 417 -6.23 -16.38 24.43
C ALA B 417 -6.14 -16.35 25.94
N HIS B 418 -6.33 -15.16 26.50
CA HIS B 418 -6.26 -14.97 27.92
C HIS B 418 -7.32 -15.82 28.65
N GLY B 419 -6.84 -16.72 29.52
CA GLY B 419 -7.71 -17.58 30.30
C GLY B 419 -8.44 -18.64 29.50
N ARG B 420 -7.90 -18.99 28.33
CA ARG B 420 -8.53 -19.98 27.47
C ARG B 420 -7.58 -20.98 26.85
N GLU B 421 -8.09 -22.19 26.65
CA GLU B 421 -7.37 -23.28 26.00
C GLU B 421 -7.53 -23.02 24.52
N VAL B 422 -6.63 -23.62 23.71
CA VAL B 422 -6.66 -23.49 22.25
C VAL B 422 -8.02 -23.94 21.69
N ASP B 423 -8.57 -25.04 22.21
CA ASP B 423 -9.86 -25.53 21.73
C ASP B 423 -11.04 -24.60 22.03
N GLU B 424 -10.93 -23.83 23.11
CA GLU B 424 -11.98 -22.87 23.45
C GLU B 424 -11.89 -21.72 22.45
N ILE B 425 -10.68 -21.25 22.17
CA ILE B 425 -10.49 -20.16 21.21
C ILE B 425 -11.05 -20.59 19.83
N ARG B 426 -10.71 -21.82 19.46
CA ARG B 426 -11.12 -22.44 18.20
C ARG B 426 -12.64 -22.34 18.05
N GLN B 427 -13.37 -22.80 19.09
CA GLN B 427 -14.83 -22.77 19.09
C GLN B 427 -15.35 -21.36 18.91
N ILE B 428 -14.78 -20.42 19.66
CA ILE B 428 -15.19 -19.03 19.55
C ILE B 428 -14.98 -18.45 18.14
N ILE B 429 -13.80 -18.68 17.54
CA ILE B 429 -13.56 -18.12 16.22
C ILE B 429 -14.21 -18.95 15.11
N GLY B 430 -14.68 -20.14 15.44
CA GLY B 430 -15.36 -20.95 14.46
C GLY B 430 -14.51 -21.75 13.49
N ALA B 431 -13.23 -21.97 13.81
CA ALA B 431 -12.35 -22.75 12.93
C ALA B 431 -12.60 -24.24 13.16
N ASP B 432 -12.25 -25.07 12.18
CA ASP B 432 -12.39 -26.51 12.33
C ASP B 432 -11.17 -26.99 13.09
N GLY B 433 -10.15 -26.16 13.10
CA GLY B 433 -8.92 -26.47 13.79
C GLY B 433 -8.13 -25.20 13.98
N LEU B 434 -7.40 -25.13 15.09
CA LEU B 434 -6.60 -23.98 15.43
C LEU B 434 -5.28 -24.48 16.00
N ILE B 435 -4.16 -23.93 15.53
CA ILE B 435 -2.86 -24.34 16.05
C ILE B 435 -1.98 -23.10 16.19
N PHE B 436 -1.26 -23.00 17.30
CA PHE B 436 -0.37 -21.87 17.58
C PHE B 436 1.09 -22.29 17.55
N GLN B 437 1.97 -21.35 17.27
CA GLN B 437 3.41 -21.57 17.31
C GLN B 437 3.76 -21.81 18.81
N ASP B 438 4.71 -22.71 19.10
CA ASP B 438 5.12 -22.93 20.49
C ASP B 438 6.16 -21.82 20.77
N LEU B 439 6.14 -21.25 21.97
CA LEU B 439 7.05 -20.14 22.29
C LEU B 439 8.52 -20.52 22.13
N ASN B 440 8.91 -21.71 22.61
CA ASN B 440 10.32 -22.07 22.48
C ASN B 440 10.72 -22.20 21.01
N ASP B 441 9.76 -22.56 20.15
CA ASP B 441 10.02 -22.66 18.70
C ASP B 441 10.22 -21.28 18.11
N LEU B 442 9.37 -20.35 18.51
CA LEU B 442 9.48 -18.98 18.01
C LEU B 442 10.87 -18.45 18.39
N ILE B 443 11.27 -18.75 19.63
CA ILE B 443 12.56 -18.32 20.16
C ILE B 443 13.72 -18.92 19.38
N ASP B 444 13.64 -20.21 19.06
CA ASP B 444 14.70 -20.87 18.31
C ASP B 444 14.74 -20.36 16.89
N ALA B 445 13.57 -20.07 16.34
CA ALA B 445 13.49 -19.56 14.98
C ALA B 445 14.27 -18.25 14.83
N VAL B 446 14.16 -17.35 15.81
CA VAL B 446 14.84 -16.04 15.75
C VAL B 446 16.31 -16.13 16.18
N ARG B 447 16.53 -16.86 17.27
CA ARG B 447 17.85 -17.10 17.84
C ARG B 447 18.78 -17.78 16.83
N ALA B 448 18.20 -18.63 15.99
CA ALA B 448 18.98 -19.30 14.96
C ALA B 448 19.74 -18.28 14.12
N GLU B 449 19.23 -17.07 14.00
CA GLU B 449 19.89 -16.05 13.23
C GLU B 449 21.04 -15.33 13.97
N ASN B 450 21.10 -15.53 15.28
CA ASN B 450 22.13 -14.94 16.12
C ASN B 450 22.04 -15.60 17.50
N PRO B 451 22.77 -16.73 17.69
CA PRO B 451 22.79 -17.47 18.96
C PRO B 451 23.26 -16.66 20.16
N ASP B 452 23.89 -15.51 19.94
CA ASP B 452 24.36 -14.66 21.05
C ASP B 452 23.19 -14.15 21.91
N ILE B 453 22.02 -13.94 21.33
CA ILE B 453 20.87 -13.46 22.10
C ILE B 453 20.36 -14.70 22.77
N GLN B 454 20.33 -14.70 24.08
CA GLN B 454 19.88 -15.88 24.80
C GLN B 454 18.48 -15.72 25.37
N GLN B 455 18.08 -14.48 25.53
CA GLN B 455 16.76 -14.20 26.08
C GLN B 455 16.11 -13.02 25.35
N PHE B 456 14.87 -13.24 24.92
CA PHE B 456 14.07 -12.22 24.23
C PHE B 456 13.03 -11.64 25.21
N GLU B 457 12.40 -10.53 24.84
CA GLU B 457 11.34 -9.92 25.64
C GLU B 457 10.08 -10.66 25.19
N CYS B 458 9.49 -11.48 26.08
CA CYS B 458 8.29 -12.31 25.79
C CYS B 458 7.01 -12.06 26.62
N SER B 459 6.97 -11.00 27.43
CA SER B 459 5.83 -10.73 28.28
C SER B 459 4.44 -10.92 27.68
N VAL B 460 4.20 -10.50 26.43
CA VAL B 460 2.87 -10.70 25.84
C VAL B 460 2.53 -12.19 25.74
N PHE B 461 3.57 -13.02 25.66
CA PHE B 461 3.40 -14.47 25.58
C PHE B 461 3.47 -15.19 26.94
N ASN B 462 4.37 -14.80 27.82
CA ASN B 462 4.46 -15.51 29.09
C ASN B 462 4.19 -14.71 30.35
N GLY B 463 3.84 -13.44 30.21
CA GLY B 463 3.58 -12.64 31.38
C GLY B 463 4.81 -12.24 32.19
N VAL B 464 6.00 -12.63 31.74
CA VAL B 464 7.23 -12.26 32.44
C VAL B 464 7.76 -10.88 31.98
N TYR B 465 7.75 -9.92 32.88
CA TYR B 465 8.20 -8.55 32.60
C TYR B 465 9.59 -8.31 33.17
N VAL B 466 10.58 -8.08 32.31
CA VAL B 466 11.95 -7.87 32.77
C VAL B 466 12.15 -6.73 33.74
N THR B 467 11.36 -5.67 33.61
CA THR B 467 11.51 -4.53 34.52
C THR B 467 10.93 -4.85 35.91
N LYS B 468 10.22 -5.97 36.04
N LYS B 468 10.22 -5.97 36.04
CA LYS B 468 9.64 -6.43 37.30
CA LYS B 468 9.65 -6.42 37.30
C LYS B 468 8.84 -5.39 38.09
C LYS B 468 8.86 -5.38 38.09
N ASP B 469 8.16 -4.49 37.39
CA ASP B 469 7.38 -3.45 38.07
C ASP B 469 5.98 -3.29 37.47
N VAL B 470 5.50 -4.39 36.91
CA VAL B 470 4.21 -4.39 36.28
C VAL B 470 3.25 -5.14 37.19
N ASP B 471 2.33 -4.41 37.79
CA ASP B 471 1.37 -5.01 38.69
C ASP B 471 -0.02 -4.54 38.23
N GLN B 472 -1.08 -4.93 38.94
CA GLN B 472 -2.44 -4.53 38.56
C GLN B 472 -2.69 -3.07 38.73
N GLY B 473 -2.05 -2.46 39.71
CA GLY B 473 -2.24 -1.04 39.93
C GLY B 473 -1.77 -0.28 38.70
N TYR B 474 -0.68 -0.76 38.09
CA TYR B 474 -0.09 -0.15 36.91
C TYR B 474 -0.95 -0.41 35.66
N LEU B 475 -1.39 -1.67 35.52
CA LEU B 475 -2.24 -2.04 34.40
C LEU B 475 -3.51 -1.18 34.43
N ASP B 476 -4.13 -1.09 35.60
CA ASP B 476 -5.34 -0.29 35.78
C ASP B 476 -5.10 1.16 35.44
N PHE B 477 -3.95 1.69 35.85
CA PHE B 477 -3.60 3.07 35.54
C PHE B 477 -3.54 3.24 34.01
N LEU B 478 -2.96 2.26 33.30
CA LEU B 478 -2.86 2.34 31.84
C LEU B 478 -4.25 2.39 31.23
N ASP B 479 -5.19 1.63 31.82
CA ASP B 479 -6.58 1.58 31.34
C ASP B 479 -7.27 2.93 31.53
N THR B 480 -6.92 3.60 32.62
CA THR B 480 -7.42 4.94 32.90
C THR B 480 -6.92 5.86 31.76
N LEU B 481 -5.63 5.83 31.47
CA LEU B 481 -5.04 6.65 30.41
C LEU B 481 -5.76 6.43 29.08
N ARG B 482 -6.04 5.16 28.77
CA ARG B 482 -6.73 4.78 27.54
C ARG B 482 -8.16 5.37 27.45
N ASN B 483 -8.87 5.34 28.58
CA ASN B 483 -10.24 5.88 28.67
C ASN B 483 -10.27 7.41 28.42
N ASP B 484 -9.34 8.14 29.03
CA ASP B 484 -9.26 9.59 28.86
C ASP B 484 -8.91 9.90 27.42
N ASP B 485 -8.08 9.04 26.82
CA ASP B 485 -7.64 9.16 25.43
C ASP B 485 -8.85 9.04 24.52
N ALA B 486 -9.69 8.04 24.79
CA ALA B 486 -10.91 7.79 24.05
C ALA B 486 -11.86 9.01 24.13
N LYS B 487 -12.05 9.56 25.32
CA LYS B 487 -12.91 10.73 25.51
C LYS B 487 -12.46 11.91 24.63
N ALA B 488 -11.15 12.13 24.59
CA ALA B 488 -10.56 13.21 23.79
C ALA B 488 -10.78 13.01 22.29
N VAL B 489 -10.73 11.75 21.83
CA VAL B 489 -10.94 11.40 20.41
C VAL B 489 -12.45 11.49 20.07
N GLN B 490 -13.29 11.07 21.01
CA GLN B 490 -14.75 11.13 20.85
C GLN B 490 -15.18 12.60 20.72
N ARG B 491 -14.68 13.47 21.60
CA ARG B 491 -15.02 14.88 21.57
C ARG B 491 -14.67 15.48 20.20
N GLN B 492 -13.47 15.19 19.71
CA GLN B 492 -13.00 15.67 18.42
C GLN B 492 -13.92 15.31 17.26
N ASN B 493 -14.58 14.15 17.38
CA ASN B 493 -15.51 13.68 16.36
C ASN B 493 -16.83 14.40 16.47
N GLU B 494 -17.29 14.59 17.72
CA GLU B 494 -18.57 15.25 17.99
C GLU B 494 -18.90 16.49 17.12
N VAL B 495 -18.08 17.55 17.15
CA VAL B 495 -18.41 18.71 16.29
C VAL B 495 -17.85 18.65 14.88
N GLU B 496 -17.03 17.63 14.57
CA GLU B 496 -16.54 17.48 13.21
C GLU B 496 -17.82 17.14 12.44
N ASN B 497 -18.72 16.43 13.13
CA ASN B 497 -20.02 16.04 12.59
C ASN B 497 -21.01 17.21 12.67
N LEU B 498 -21.08 17.85 13.83
CA LEU B 498 -21.99 18.98 14.02
C LEU B 498 -21.71 20.19 13.12
N GLU B 499 -20.45 20.34 12.69
CA GLU B 499 -20.04 21.46 11.84
C GLU B 499 -20.76 21.44 10.47
N MET B 500 -21.26 20.27 10.11
CA MET B 500 -22.00 20.07 8.87
C MET B 500 -23.37 20.75 8.97
N ONL C . -8.84 8.00 -23.27
CA ONL C . -9.84 8.35 -22.26
C ONL C . -9.47 9.71 -21.72
O ONL C . -10.33 10.34 -21.07
OXT ONL C . -8.30 10.12 -21.97
CB ONL C . -9.85 7.33 -21.14
CG ONL C . -8.52 7.11 -20.46
CD ONL C . -8.55 5.84 -19.66
OD ONL C . -9.28 4.90 -19.96
CE ONL C . -7.71 5.80 -18.41
C1 PIN D . 9.05 -0.09 -15.69
C2 PIN D . 8.57 -1.42 -16.24
N1 PIN D . 7.44 -2.01 -15.42
C3 PIN D . 7.87 -2.36 -14.07
C4 PIN D . 6.33 -1.09 -15.32
C1' PIN D . 4.75 -3.36 -11.23
C2' PIN D . 4.37 -2.87 -12.61
N1' PIN D . 5.54 -2.14 -13.26
C3' PIN D . 5.17 -1.73 -14.62
C4' PIN D . 6.73 -3.01 -13.30
S1 PIN D . 10.16 0.69 -16.88
S1' PIN D . 3.33 -3.28 -10.11
O1 PIN D . 11.04 1.54 -16.10
O2 PIN D . 9.32 1.46 -17.78
O3 PIN D . 10.87 -0.38 -17.53
O1' PIN D . 3.77 -3.95 -8.90
O2' PIN D . 3.06 -1.87 -9.93
O3' PIN D . 2.28 -4.01 -10.78
C1 PIN E . -15.15 20.41 -8.75
C2 PIN E . -15.66 20.66 -10.18
N1 PIN E . -14.55 20.69 -11.23
C3 PIN E . -15.12 21.01 -12.55
C4 PIN E . -13.52 21.67 -10.87
C1' PIN E . -11.15 23.56 -14.09
C2' PIN E . -12.04 22.33 -14.35
N1' PIN E . -13.09 22.17 -13.26
C3' PIN E . -12.47 21.83 -11.97
C4' PIN E . -14.04 21.12 -13.60
S1 PIN E . -16.39 19.50 -7.77
S1' PIN E . -10.62 24.42 -15.64
O1 PIN E . -16.04 19.66 -6.38
O2 PIN E . -16.31 18.13 -8.22
O3 PIN E . -17.67 20.11 -8.10
O1' PIN E . -9.72 25.47 -15.19
O2' PIN E . -9.97 23.42 -16.46
O3' PIN E . -11.83 24.94 -16.25
C1 PIN F . -21.51 21.34 -20.93
C2 PIN F . -21.34 20.45 -19.72
N1 PIN F . -20.02 20.72 -19.01
S1 PIN F . -23.17 21.24 -21.70
O1 PIN F . -22.94 21.11 -23.12
O2 PIN F . -23.85 22.45 -21.35
O3 PIN F . -23.79 20.10 -21.13
N ONL G . 5.02 5.51 25.05
CA ONL G . 5.50 6.67 24.23
C ONL G . 4.36 7.63 24.09
O ONL G . 4.65 8.76 23.71
OXT ONL G . 3.18 7.22 24.34
CB ONL G . 5.90 6.23 22.83
CG ONL G . 4.92 5.28 22.20
CD ONL G . 5.52 4.53 21.03
OD ONL G . 6.67 4.07 21.10
CE ONL G . 4.71 4.42 19.75
C1 PIN H . -6.41 -10.60 14.09
C2 PIN H . -4.99 -10.36 14.54
N1 PIN H . -4.30 -9.38 13.69
C3 PIN H . -3.15 -8.83 14.42
C4 PIN H . -3.82 -10.02 12.46
C1' PIN H . -0.75 -8.12 10.22
C2' PIN H . -1.11 -7.53 11.56
N1' PIN H . -1.90 -8.51 12.37
C3' PIN H . -3.05 -9.04 11.61
C4' PIN H . -2.39 -7.87 13.59
S1 PIN H . -7.43 -10.87 15.52
S1' PIN H . 0.01 -6.90 9.17
O1 PIN H . -8.76 -11.06 15.01
O2 PIN H . -7.31 -9.66 16.31
O3 PIN H . -6.92 -12.03 16.20
O1' PIN H . 0.37 -7.61 7.96
O2' PIN H . -0.99 -5.88 8.95
O3' PIN H . 1.15 -6.41 9.92
C1 PIN I . 2.32 22.45 14.86
C2 PIN I . 2.79 22.26 16.30
N1 PIN I . 1.77 21.52 17.13
C3 PIN I . 2.15 21.56 18.55
C4 PIN I . 0.44 22.12 16.98
C1' PIN I . -2.52 21.59 20.26
C2' PIN I . -1.21 20.82 20.17
N1' PIN I . -0.19 21.52 19.28
C3' PIN I . -0.59 21.46 17.87
C4' PIN I . 1.12 20.88 19.41
S1 PIN I . 3.72 22.77 13.76
S1' PIN I . -3.26 21.42 21.90
O1 PIN I . 3.18 23.43 12.59
O2 PIN I . 4.27 21.48 13.48
O3 PIN I . 4.63 23.60 14.52
O1' PIN I . -4.59 22.00 21.80
O2' PIN I . -3.29 20.00 22.21
O3' PIN I . -2.41 22.17 22.80
C1 PIN J . 9.08 24.43 26.51
C2 PIN J . 7.97 23.43 26.15
N1 PIN J . 7.43 23.66 24.74
C3 PIN J . 6.84 22.44 24.21
C4 PIN J . 6.42 24.71 24.73
S1 PIN J . 9.60 24.22 28.22
O1 PIN J . 9.41 25.48 28.86
O2 PIN J . 10.99 23.85 28.19
O3 PIN J . 8.77 23.17 28.77
#